data_3ET8
# 
_entry.id   3ET8 
# 
_audit_conform.dict_name       mmcif_pdbx.dic 
_audit_conform.dict_version    5.378 
_audit_conform.dict_location   http://mmcif.pdb.org/dictionaries/ascii/mmcif_pdbx.dic 
# 
loop_
_database_2.database_id 
_database_2.database_code 
_database_2.pdbx_database_accession 
_database_2.pdbx_DOI 
PDB   3ET8         pdb_00003et8 10.2210/pdb3et8/pdb 
NDB   DD0099       ?            ?                   
RCSB  RCSB049737   ?            ?                   
WWPDB D_1000049737 ?            ?                   
# 
loop_
_pdbx_database_related.db_name 
_pdbx_database_related.db_id 
_pdbx_database_related.details 
_pdbx_database_related.content_type 
PDB 1L1H 'Same quadruplex structure bound with a different ligand BSU-6039' unspecified 
PDB 1JPQ 'Same quadruplex structure in its native form (ligand-free)' unspecified 
PDB 1JRN 'Same quadruplex structure in its native form (ligand-free)' unspecified 
PDB 3CE5 
'A bimolecular parallel-stranded human telomeric quadruplex in complex with a 3,6,9-trisubstituted acridine molecular BRACO19' 
unspecified 
PDB 3EM2 
'A bimolecular anti-parallel-stranded Oxytricha nova telomeric quadruplex in complex with a 3,6-disubstituted acridine BSU-6038' 
unspecified 
PDB 3EQW 
;A bimolecular anti-parallel-stranded Oxytricha nova telomeric quadruplex in complex with a 3,6-disubstituted acridine BSU-6042 in small unit cell
;
unspecified 
PDB 3ERU 
'A bimolecular anti-parallel-stranded Oxytricha nova telomeric quadruplex in complex with a 3,6-disubstituted acridine BSU-6045' 
unspecified 
PDB 3ES0 
'A bimolecular anti-parallel-stranded Oxytricha nova telomeric quadruplex in complex with a 3,6-disubstituted acridine BSU-6048' 
unspecified 
# 
_pdbx_database_status.status_code                     REL 
_pdbx_database_status.entry_id                        3ET8 
_pdbx_database_status.recvd_initial_deposition_date   2008-10-07 
_pdbx_database_status.deposit_site                    RCSB 
_pdbx_database_status.process_site                    RCSB 
_pdbx_database_status.status_code_sf                  REL 
_pdbx_database_status.status_code_mr                  ? 
_pdbx_database_status.SG_entry                        ? 
_pdbx_database_status.pdb_format_compatible           Y 
_pdbx_database_status.status_code_cs                  ? 
_pdbx_database_status.status_code_nmr_data            ? 
_pdbx_database_status.methods_development_category    ? 
# 
loop_
_audit_author.name 
_audit_author.pdbx_ordinal 
'Campbell, N.H.' 1 
'Parkinson, G.'  2 
'Neidle, S.'     3 
# 
_citation.id                        primary 
_citation.title                     'Selectivity in Ligand Recognition of G-Quadruplex Loops.' 
_citation.journal_abbrev            Biochemistry 
_citation.journal_volume            48 
_citation.page_first                1675 
_citation.page_last                 1680 
_citation.year                      2009 
_citation.journal_id_ASTM           BICHAW 
_citation.country                   US 
_citation.journal_id_ISSN           0006-2960 
_citation.journal_id_CSD            0033 
_citation.book_publisher            ? 
_citation.pdbx_database_id_PubMed   19173611 
_citation.pdbx_database_id_DOI      10.1021/bi802233v 
# 
loop_
_citation_author.citation_id 
_citation_author.name 
_citation_author.ordinal 
_citation_author.identifier_ORCID 
primary 'Campbell, N.H.'  1 ? 
primary 'Patel, M.'       2 ? 
primary 'Tofa, A.B.'      3 ? 
primary 'Ghosh, R.'       4 ? 
primary 'Parkinson, G.N.' 5 ? 
primary 'Neidle, S.'      6 ? 
# 
_cell.entry_id           3ET8 
_cell.length_a           55.395 
_cell.length_b           42.589 
_cell.length_c           27.142 
_cell.angle_alpha        90.00 
_cell.angle_beta         90.00 
_cell.angle_gamma        90.00 
_cell.Z_PDB              8 
_cell.pdbx_unique_axis   ? 
_cell.length_a_esd       ? 
_cell.length_b_esd       ? 
_cell.length_c_esd       ? 
_cell.angle_alpha_esd    ? 
_cell.angle_beta_esd     ? 
_cell.angle_gamma_esd    ? 
# 
_symmetry.entry_id                         3ET8 
_symmetry.space_group_name_H-M             'P 21 21 2' 
_symmetry.pdbx_full_space_group_name_H-M   ? 
_symmetry.cell_setting                     ? 
_symmetry.Int_Tables_number                18 
_symmetry.space_group_name_Hall            ? 
# 
loop_
_entity.id 
_entity.type 
_entity.src_method 
_entity.pdbx_description 
_entity.formula_weight 
_entity.pdbx_number_of_molecules 
_entity.pdbx_ec 
_entity.pdbx_mutation 
_entity.pdbx_fragment 
_entity.details 
1 polymer     syn "5'-D(*DGP*DGP*DGP*DGP*DTP*DTP*DTP*DTP*DGP*DGP*DGP*DG)-3'"   3805.460 2  ? ? ? 
'Bimolecular anti-parallel-stranded DNA quadruplex' 
2 non-polymer syn 'POTASSIUM ION'                                              39.098   4  ? ? ? ? 
3 non-polymer syn '3,6-Bis{3-(3-[(3R)-methylpiperidino)]propionamido}acridine' 515.690  1  ? ? ? ? 
4 water       nat water                                                        18.015   51 ? ? ? ? 
# 
_entity_poly.entity_id                      1 
_entity_poly.type                           polydeoxyribonucleotide 
_entity_poly.nstd_linkage                   no 
_entity_poly.nstd_monomer                   no 
_entity_poly.pdbx_seq_one_letter_code       '(DG)(DG)(DG)(DG)(DT)(DT)(DT)(DT)(DG)(DG)(DG)(DG)' 
_entity_poly.pdbx_seq_one_letter_code_can   GGGGTTTTGGGG 
_entity_poly.pdbx_strand_id                 A,B 
_entity_poly.pdbx_target_identifier         ? 
# 
loop_
_entity_poly_seq.entity_id 
_entity_poly_seq.num 
_entity_poly_seq.mon_id 
_entity_poly_seq.hetero 
1 1  DG n 
1 2  DG n 
1 3  DG n 
1 4  DG n 
1 5  DT n 
1 6  DT n 
1 7  DT n 
1 8  DT n 
1 9  DG n 
1 10 DG n 
1 11 DG n 
1 12 DG n 
# 
_pdbx_entity_src_syn.entity_id              1 
_pdbx_entity_src_syn.pdbx_src_id            1 
_pdbx_entity_src_syn.pdbx_alt_source_flag   sample 
_pdbx_entity_src_syn.pdbx_beg_seq_num       ? 
_pdbx_entity_src_syn.pdbx_end_seq_num       ? 
_pdbx_entity_src_syn.organism_scientific    ? 
_pdbx_entity_src_syn.organism_common_name   ? 
_pdbx_entity_src_syn.ncbi_taxonomy_id       ? 
_pdbx_entity_src_syn.details                'The sequence occurs naturally in Oxytricha nova' 
# 
_struct_ref.id                         1 
_struct_ref.db_name                    PDB 
_struct_ref.db_code                    3ET8 
_struct_ref.pdbx_db_accession          3ET8 
_struct_ref.entity_id                  1 
_struct_ref.pdbx_align_begin           1` 
_struct_ref.pdbx_seq_one_letter_code   GGGGTTTTGGGG 
_struct_ref.pdbx_db_isoform            ? 
# 
loop_
_struct_ref_seq.align_id 
_struct_ref_seq.ref_id 
_struct_ref_seq.pdbx_PDB_id_code 
_struct_ref_seq.pdbx_strand_id 
_struct_ref_seq.seq_align_beg 
_struct_ref_seq.pdbx_seq_align_beg_ins_code 
_struct_ref_seq.seq_align_end 
_struct_ref_seq.pdbx_seq_align_end_ins_code 
_struct_ref_seq.pdbx_db_accession 
_struct_ref_seq.db_align_beg 
_struct_ref_seq.pdbx_db_align_beg_ins_code 
_struct_ref_seq.db_align_end 
_struct_ref_seq.pdbx_db_align_end_ins_code 
_struct_ref_seq.pdbx_auth_seq_align_beg 
_struct_ref_seq.pdbx_auth_seq_align_end 
1 1 3ET8 A 1 ? 12 ? 3ET8 1  ? 12 ? 1  12 
2 1 3ET8 B 1 ? 12 ? 3ET8 13 ? 24 ? 13 24 
# 
loop_
_chem_comp.id 
_chem_comp.type 
_chem_comp.mon_nstd_flag 
_chem_comp.name 
_chem_comp.pdbx_synonyms 
_chem_comp.formula 
_chem_comp.formula_weight 
DG  'DNA linking' y "2'-DEOXYGUANOSINE-5'-MONOPHOSPHATE"                         ? 'C10 H14 N5 O7 P' 347.221 
DT  'DNA linking' y "THYMIDINE-5'-MONOPHOSPHATE"                                 ? 'C10 H15 N2 O8 P' 322.208 
HOH non-polymer   . WATER                                                        ? 'H2 O'            18.015  
K   non-polymer   . 'POTASSIUM ION'                                              ? 'K 1'             39.098  
NCL non-polymer   . '3,6-Bis{3-(3-[(3R)-methylpiperidino)]propionamido}acridine' 
"N,N'-acridine-3,6-diylbis{3-[(3R)-3-methylpiperidin-1-yl]propanamide}" 'C31 H41 N5 O2'   515.690 
# 
_exptl.entry_id          3ET8 
_exptl.method            'X-RAY DIFFRACTION' 
_exptl.crystals_number   1 
# 
_exptl_crystal.id                    1 
_exptl_crystal.density_meas          ? 
_exptl_crystal.density_Matthews      2.10 
_exptl_crystal.density_percent_sol   41.52 
_exptl_crystal.description           ? 
_exptl_crystal.F_000                 ? 
_exptl_crystal.preparation           ? 
# 
_exptl_crystal_grow.crystal_id      1 
_exptl_crystal_grow.method          'VAPOR DIFFUSION, HANGING DROP' 
_exptl_crystal_grow.temp            285.15 
_exptl_crystal_grow.temp_details    ? 
_exptl_crystal_grow.pH              7.0 
_exptl_crystal_grow.pdbx_details    
;2 microliter drops containing 5% v/v MPD, 0.50 mM DNA, 0.25 mM Ligand, 40 mM Potassium chloride, 5 mM Magnesium chloride, 4.1 mM Spermine equilibrated against 35% v/v MPD, pH 7.0, VAPOR DIFFUSION, HANGING DROP, temperature 285.15K
;
_exptl_crystal_grow.pdbx_pH_range   ? 
# 
loop_
_exptl_crystal_grow_comp.crystal_id 
_exptl_crystal_grow_comp.id 
_exptl_crystal_grow_comp.sol_id 
_exptl_crystal_grow_comp.name 
_exptl_crystal_grow_comp.volume 
_exptl_crystal_grow_comp.conc 
_exptl_crystal_grow_comp.details 
1 1 1 MPD                  ? ? ? 
1 2 1 'Potassium chloride' ? ? ? 
1 3 1 'Magnesium chloride' ? ? ? 
1 4 1 Spermine             ? ? ? 
1 5 2 MPD                  ? ? ? 
# 
_diffrn.id                     1 
_diffrn.ambient_temp           105 
_diffrn.ambient_temp_details   ? 
_diffrn.crystal_id             1 
# 
_diffrn_detector.diffrn_id              1 
_diffrn_detector.detector               'IMAGE PLATE' 
_diffrn_detector.type                   'RIGAKU RAXIS IV' 
_diffrn_detector.pdbx_collection_date   2006-10-30 
_diffrn_detector.details                mirrors 
# 
_diffrn_radiation.diffrn_id                        1 
_diffrn_radiation.wavelength_id                    1 
_diffrn_radiation.pdbx_monochromatic_or_laue_m_l   M 
_diffrn_radiation.monochromator                    'Osmic mirrors' 
_diffrn_radiation.pdbx_diffrn_protocol             'SINGLE WAVELENGTH' 
_diffrn_radiation.pdbx_scattering_type             x-ray 
# 
_diffrn_radiation_wavelength.id           1 
_diffrn_radiation_wavelength.wavelength   1.5418 
_diffrn_radiation_wavelength.wt           1.0 
# 
_diffrn_source.diffrn_id                   1 
_diffrn_source.source                      'ROTATING ANODE' 
_diffrn_source.type                        'RIGAKU RU200' 
_diffrn_source.pdbx_synchrotron_site       ? 
_diffrn_source.pdbx_synchrotron_beamline   ? 
_diffrn_source.pdbx_wavelength             ? 
_diffrn_source.pdbx_wavelength_list        1.5418 
# 
_reflns.entry_id                     3ET8 
_reflns.observed_criterion_sigma_I   3.00 
_reflns.observed_criterion_sigma_F   ? 
_reflns.d_resolution_low             27.70 
_reflns.d_resolution_high            2.45 
_reflns.number_obs                   2602 
_reflns.number_all                   2609 
_reflns.percent_possible_obs         99.7 
_reflns.pdbx_Rmerge_I_obs            0.084 
_reflns.pdbx_Rsym_value              ? 
_reflns.pdbx_netI_over_sigmaI        8.3 
_reflns.B_iso_Wilson_estimate        40.239 
_reflns.pdbx_redundancy              3.58 
_reflns.R_free_details               ? 
_reflns.pdbx_chi_squared             ? 
_reflns.pdbx_scaling_rejects         ? 
_reflns.pdbx_diffrn_id               1 
_reflns.pdbx_ordinal                 1 
# 
_reflns_shell.d_res_high             2.45 
_reflns_shell.d_res_low              2.54 
_reflns_shell.percent_possible_all   98.8 
_reflns_shell.Rmerge_I_obs           0.257 
_reflns_shell.pdbx_Rsym_value        ? 
_reflns_shell.meanI_over_sigI_obs    4.1 
_reflns_shell.pdbx_redundancy        3.60 
_reflns_shell.percent_possible_obs   ? 
_reflns_shell.number_unique_all      255 
_reflns_shell.number_measured_all    ? 
_reflns_shell.number_measured_obs    ? 
_reflns_shell.number_unique_obs      ? 
_reflns_shell.pdbx_chi_squared       ? 
_reflns_shell.pdbx_diffrn_id         ? 
_reflns_shell.pdbx_ordinal           1 
# 
_refine.entry_id                                 3ET8 
_refine.ls_number_reflns_obs                     2471 
_refine.ls_number_reflns_all                     2602 
_refine.pdbx_ls_sigma_I                          ? 
_refine.pdbx_ls_sigma_F                          ? 
_refine.pdbx_data_cutoff_high_absF               ? 
_refine.pdbx_data_cutoff_low_absF                ? 
_refine.pdbx_data_cutoff_high_rms_absF           ? 
_refine.ls_d_res_low                             27.15 
_refine.ls_d_res_high                            2.45 
_refine.ls_percent_reflns_obs                    99.42 
_refine.ls_R_factor_obs                          0.21062 
_refine.ls_R_factor_all                          ? 
_refine.ls_R_factor_R_work                       0.20726 
_refine.ls_R_factor_R_free                       0.27711 
_refine.ls_R_factor_R_free_error                 ? 
_refine.ls_R_factor_R_free_error_details         ? 
_refine.ls_percent_reflns_R_free                 4.6 
_refine.ls_number_reflns_R_free                  118 
_refine.ls_number_parameters                     ? 
_refine.ls_number_restraints                     ? 
_refine.occupancy_min                            ? 
_refine.occupancy_max                            ? 
_refine.correlation_coeff_Fo_to_Fc               0.940 
_refine.correlation_coeff_Fo_to_Fc_free          0.908 
_refine.B_iso_mean                               16.600 
_refine.aniso_B[1][1]                            -1.15 
_refine.aniso_B[2][2]                            -2.75 
_refine.aniso_B[3][3]                            3.90 
_refine.aniso_B[1][2]                            0.00 
_refine.aniso_B[1][3]                            0.00 
_refine.aniso_B[2][3]                            0.00 
_refine.solvent_model_details                    MASK 
_refine.solvent_model_param_ksol                 ? 
_refine.solvent_model_param_bsol                 ? 
_refine.pdbx_solvent_vdw_probe_radii             1.20 
_refine.pdbx_solvent_ion_probe_radii             0.80 
_refine.pdbx_solvent_shrinkage_radii             0.80 
_refine.pdbx_ls_cross_valid_method               THROUGHOUT 
_refine.details                                  ? 
_refine.pdbx_starting_model                      'PDB entry 1L1H' 
_refine.pdbx_method_to_determine_struct          'MOLECULAR REPLACEMENT' 
_refine.pdbx_isotropic_thermal_model             isotropic 
_refine.pdbx_stereochemistry_target_values       'MAXIMUM LIKELIHOOD' 
_refine.pdbx_stereochem_target_val_spec_case     ? 
_refine.pdbx_R_Free_selection_details            RANDOM 
_refine.pdbx_overall_ESU_R                       1.460 
_refine.pdbx_overall_ESU_R_Free                  0.340 
_refine.overall_SU_ML                            0.213 
_refine.overall_SU_B                             9.388 
_refine.ls_redundancy_reflns_obs                 ? 
_refine.overall_SU_R_Cruickshank_DPI             ? 
_refine.overall_SU_R_free                        ? 
_refine.ls_wR_factor_R_free                      ? 
_refine.ls_wR_factor_R_work                      ? 
_refine.overall_FOM_free_R_set                   ? 
_refine.overall_FOM_work_R_set                   ? 
_refine.pdbx_overall_phase_error                 ? 
_refine.pdbx_refine_id                           'X-RAY DIFFRACTION' 
_refine.pdbx_diffrn_id                           1 
_refine.pdbx_TLS_residual_ADP_flag               ? 
_refine.pdbx_overall_SU_R_free_Cruickshank_DPI   ? 
_refine.pdbx_overall_SU_R_Blow_DPI               ? 
_refine.pdbx_overall_SU_R_free_Blow_DPI          ? 
# 
_refine_hist.pdbx_refine_id                   'X-RAY DIFFRACTION' 
_refine_hist.cycle_id                         LAST 
_refine_hist.pdbx_number_atoms_protein        0 
_refine_hist.pdbx_number_atoms_nucleic_acid   506 
_refine_hist.pdbx_number_atoms_ligand         42 
_refine_hist.number_atoms_solvent             51 
_refine_hist.number_atoms_total               599 
_refine_hist.d_res_high                       2.45 
_refine_hist.d_res_low                        27.15 
# 
loop_
_refine_ls_restr.type 
_refine_ls_restr.dev_ideal 
_refine_ls_restr.dev_ideal_target 
_refine_ls_restr.weight 
_refine_ls_restr.number 
_refine_ls_restr.pdbx_refine_id 
_refine_ls_restr.pdbx_restraint_function 
r_bond_refined_d             0.010 0.021 ? 610 'X-RAY DIFFRACTION' ? 
r_bond_other_d               ?     ?     ? ?   'X-RAY DIFFRACTION' ? 
r_angle_refined_deg          2.002 3.000 ? 938 'X-RAY DIFFRACTION' ? 
r_angle_other_deg            ?     ?     ? ?   'X-RAY DIFFRACTION' ? 
r_dihedral_angle_1_deg       ?     ?     ? ?   'X-RAY DIFFRACTION' ? 
r_dihedral_angle_2_deg       ?     ?     ? ?   'X-RAY DIFFRACTION' ? 
r_dihedral_angle_3_deg       ?     ?     ? ?   'X-RAY DIFFRACTION' ? 
r_dihedral_angle_4_deg       ?     ?     ? ?   'X-RAY DIFFRACTION' ? 
r_chiral_restr               0.076 0.200 ? 94  'X-RAY DIFFRACTION' ? 
r_gen_planes_refined         0.008 0.020 ? 306 'X-RAY DIFFRACTION' ? 
r_gen_planes_other           ?     ?     ? ?   'X-RAY DIFFRACTION' ? 
r_nbd_refined                0.326 0.200 ? 233 'X-RAY DIFFRACTION' ? 
r_nbd_other                  ?     ?     ? ?   'X-RAY DIFFRACTION' ? 
r_nbtor_refined              0.303 0.200 ? 348 'X-RAY DIFFRACTION' ? 
r_nbtor_other                ?     ?     ? ?   'X-RAY DIFFRACTION' ? 
r_xyhbond_nbd_refined        0.181 0.200 ? 40  'X-RAY DIFFRACTION' ? 
r_xyhbond_nbd_other          ?     ?     ? ?   'X-RAY DIFFRACTION' ? 
r_metal_ion_refined          0.153 0.200 ? 10  'X-RAY DIFFRACTION' ? 
r_metal_ion_other            ?     ?     ? ?   'X-RAY DIFFRACTION' ? 
r_symmetry_vdw_refined       0.145 0.200 ? 13  'X-RAY DIFFRACTION' ? 
r_symmetry_vdw_other         ?     ?     ? ?   'X-RAY DIFFRACTION' ? 
r_symmetry_hbond_refined     0.237 0.200 ? 8   'X-RAY DIFFRACTION' ? 
r_symmetry_hbond_other       ?     ?     ? ?   'X-RAY DIFFRACTION' ? 
r_symmetry_metal_ion_refined ?     ?     ? ?   'X-RAY DIFFRACTION' ? 
r_symmetry_metal_ion_other   ?     ?     ? ?   'X-RAY DIFFRACTION' ? 
r_mcbond_it                  ?     ?     ? ?   'X-RAY DIFFRACTION' ? 
r_mcbond_other               ?     ?     ? ?   'X-RAY DIFFRACTION' ? 
r_mcangle_it                 ?     ?     ? ?   'X-RAY DIFFRACTION' ? 
r_scbond_it                  1.312 3.000 ? 682 'X-RAY DIFFRACTION' ? 
r_scangle_it                 1.974 4.500 ? 938 'X-RAY DIFFRACTION' ? 
r_rigid_bond_restr           ?     ?     ? ?   'X-RAY DIFFRACTION' ? 
r_sphericity_free            ?     ?     ? ?   'X-RAY DIFFRACTION' ? 
r_sphericity_bonded          ?     ?     ? ?   'X-RAY DIFFRACTION' ? 
# 
_refine_ls_shell.pdbx_total_number_of_bins_used   20 
_refine_ls_shell.d_res_high                       2.450 
_refine_ls_shell.d_res_low                        2.513 
_refine_ls_shell.number_reflns_R_work             176 
_refine_ls_shell.R_factor_R_work                  0.290 
_refine_ls_shell.percent_reflns_obs               97.87 
_refine_ls_shell.R_factor_R_free                  0.297 
_refine_ls_shell.R_factor_R_free_error            ? 
_refine_ls_shell.percent_reflns_R_free            ? 
_refine_ls_shell.number_reflns_R_free             8 
_refine_ls_shell.number_reflns_all                ? 
_refine_ls_shell.R_factor_all                     ? 
_refine_ls_shell.number_reflns_obs                ? 
_refine_ls_shell.redundancy_reflns_obs            ? 
_refine_ls_shell.pdbx_refine_id                   'X-RAY DIFFRACTION' 
# 
_struct.entry_id                  3ET8 
_struct.title                     
'A bimolecular anti-parallel-stranded Oxytricha nova telomeric quadruplex in complex with a 3,6-disubstituted acridine BSU-6054' 
_struct.pdbx_model_details        ? 
_struct.pdbx_CASP_flag            ? 
_struct.pdbx_model_type_details   ? 
# 
_struct_keywords.entry_id        3ET8 
_struct_keywords.pdbx_keywords   DNA 
_struct_keywords.text            
'quadruplex, Oxytricha nova, BSU-6054, BSU6054, anti-parallel, bimolecular, macromolecule, DNA, G-quadruplex' 
# 
loop_
_struct_asym.id 
_struct_asym.pdbx_blank_PDB_chainid_flag 
_struct_asym.pdbx_modified 
_struct_asym.entity_id 
_struct_asym.details 
A N N 1 ? 
B N N 1 ? 
C N N 2 ? 
D N N 2 ? 
E N N 2 ? 
F N N 3 ? 
G N N 2 ? 
H N N 4 ? 
I N N 4 ? 
# 
_struct_biol.id        1 
_struct_biol.details   ? 
# 
loop_
_struct_conn.id 
_struct_conn.conn_type_id 
_struct_conn.pdbx_leaving_atom_flag 
_struct_conn.pdbx_PDB_id 
_struct_conn.ptnr1_label_asym_id 
_struct_conn.ptnr1_label_comp_id 
_struct_conn.ptnr1_label_seq_id 
_struct_conn.ptnr1_label_atom_id 
_struct_conn.pdbx_ptnr1_label_alt_id 
_struct_conn.pdbx_ptnr1_PDB_ins_code 
_struct_conn.pdbx_ptnr1_standard_comp_id 
_struct_conn.ptnr1_symmetry 
_struct_conn.ptnr2_label_asym_id 
_struct_conn.ptnr2_label_comp_id 
_struct_conn.ptnr2_label_seq_id 
_struct_conn.ptnr2_label_atom_id 
_struct_conn.pdbx_ptnr2_label_alt_id 
_struct_conn.pdbx_ptnr2_PDB_ins_code 
_struct_conn.ptnr1_auth_asym_id 
_struct_conn.ptnr1_auth_comp_id 
_struct_conn.ptnr1_auth_seq_id 
_struct_conn.ptnr2_auth_asym_id 
_struct_conn.ptnr2_auth_comp_id 
_struct_conn.ptnr2_auth_seq_id 
_struct_conn.ptnr2_symmetry 
_struct_conn.pdbx_ptnr3_label_atom_id 
_struct_conn.pdbx_ptnr3_label_seq_id 
_struct_conn.pdbx_ptnr3_label_comp_id 
_struct_conn.pdbx_ptnr3_label_asym_id 
_struct_conn.pdbx_ptnr3_label_alt_id 
_struct_conn.pdbx_ptnr3_PDB_ins_code 
_struct_conn.details 
_struct_conn.pdbx_dist_value 
_struct_conn.pdbx_value_order 
_struct_conn.pdbx_role 
metalc1  metalc ? ? A DG 1  O6 ? ? ? 1_555 C K   .  K  ? ? A DG 1  A K   26 1_555 ? ? ? ? ? ? ?               2.657 ? ? 
metalc2  metalc ? ? A DG 2  O6 ? ? ? 1_555 C K   .  K  ? ? A DG 2  A K   26 1_555 ? ? ? ? ? ? ?               2.956 ? ? 
metalc3  metalc ? ? A DG 2  O6 ? ? ? 1_555 D K   .  K  ? ? A DG 2  A K   27 1_555 ? ? ? ? ? ? ?               2.726 ? ? 
metalc4  metalc ? ? A DG 3  O6 ? ? ? 1_555 D K   .  K  ? ? A DG 3  A K   27 1_555 ? ? ? ? ? ? ?               2.762 ? ? 
metalc5  metalc ? ? A DG 3  O6 ? ? ? 1_555 E K   .  K  ? ? A DG 3  A K   28 1_555 ? ? ? ? ? ? ?               2.853 ? ? 
metalc6  metalc ? ? A DG 4  O6 ? ? ? 1_555 E K   .  K  ? ? A DG 4  A K   28 1_555 ? ? ? ? ? ? ?               2.601 ? ? 
metalc7  metalc ? ? A DG 9  O6 ? ? ? 1_555 E K   .  K  ? ? A DG 9  A K   28 1_555 ? ? ? ? ? ? ?               2.610 ? ? 
metalc8  metalc ? ? A DG 10 O6 ? ? ? 1_555 D K   .  K  ? ? A DG 10 A K   27 1_555 ? ? ? ? ? ? ?               2.733 ? ? 
metalc9  metalc ? ? A DG 10 O6 ? ? ? 1_555 E K   .  K  ? ? A DG 10 A K   28 1_555 ? ? ? ? ? ? ?               2.970 ? ? 
metalc10 metalc ? ? A DG 11 O6 ? ? ? 1_555 C K   .  K  ? ? A DG 11 A K   26 1_555 ? ? ? ? ? ? ?               2.713 ? ? 
metalc11 metalc ? ? A DG 11 O6 ? ? ? 1_555 D K   .  K  ? ? A DG 11 A K   27 1_555 ? ? ? ? ? ? ?               2.824 ? ? 
metalc12 metalc ? ? A DG 12 O6 ? ? ? 1_555 C K   .  K  ? ? A DG 12 A K   26 1_555 ? ? ? ? ? ? ?               2.841 ? ? 
metalc13 metalc ? ? A DG 12 O6 ? ? ? 1_555 G K   .  K  ? ? A DG 12 B K   25 1_555 ? ? ? ? ? ? ?               2.814 ? ? 
metalc14 metalc ? ? C K  .  K  ? ? ? 1_555 B DG  3  O6 ? ? A K  26 B DG  15 1_555 ? ? ? ? ? ? ?               2.967 ? ? 
metalc15 metalc ? ? C K  .  K  ? ? ? 1_555 B DG  4  O6 ? ? A K  26 B DG  16 1_555 ? ? ? ? ? ? ?               2.810 ? ? 
metalc16 metalc ? ? C K  .  K  ? ? ? 1_555 B DG  9  O6 ? ? A K  26 B DG  21 1_555 ? ? ? ? ? ? ?               2.794 ? ? 
metalc17 metalc ? ? C K  .  K  ? ? ? 1_555 B DG  10 O6 ? ? A K  26 B DG  22 1_555 ? ? ? ? ? ? ?               2.895 ? ? 
metalc18 metalc ? ? D K  .  K  ? ? ? 1_555 B DG  2  O6 ? ? A K  27 B DG  14 1_555 ? ? ? ? ? ? ?               2.855 ? ? 
metalc19 metalc ? ? D K  .  K  ? ? ? 1_555 B DG  3  O6 ? ? A K  27 B DG  15 1_555 ? ? ? ? ? ? ?               2.849 ? ? 
metalc20 metalc ? ? D K  .  K  ? ? ? 1_555 B DG  11 O6 ? ? A K  27 B DG  23 1_555 ? ? ? ? ? ? ?               2.892 ? ? 
metalc21 metalc ? ? E K  .  K  ? ? ? 1_555 B DG  1  O6 ? ? A K  28 B DG  13 1_555 ? ? ? ? ? ? ?               2.995 ? ? 
metalc22 metalc ? ? E K  .  K  ? ? ? 1_555 B DG  12 O6 ? ? A K  28 B DG  24 1_555 ? ? ? ? ? ? ?               2.666 ? ? 
metalc23 metalc ? ? B DT 5  O2 ? ? ? 1_555 G K   .  K  ? ? B DT 17 B K   25 1_555 ? ? ? ? ? ? ?               2.877 ? ? 
metalc24 metalc ? ? B DT 7  O2 ? ? ? 1_555 G K   .  K  ? ? B DT 19 B K   25 1_555 ? ? ? ? ? ? ?               2.579 ? ? 
metalc25 metalc ? ? B DG 9  O6 ? ? ? 1_555 G K   .  K  ? ? B DG 21 B K   25 1_555 ? ? ? ? ? ? ?               2.999 ? ? 
metalc26 metalc ? ? G K  .  K  ? ? ? 1_555 I HOH .  O  ? ? B K  25 B HOH 42 1_555 ? ? ? ? ? ? ?               2.517 ? ? 
hydrog1  hydrog ? ? A DG 1  N7 ? ? ? 1_555 B DG  4  N2 ? ? A DG 1  B DG  16 1_555 ? ? ? ? ? ? TYPE_6_PAIR     ?     ? ? 
hydrog2  hydrog ? ? A DG 1  O6 ? ? ? 1_555 B DG  4  N1 ? ? A DG 1  B DG  16 1_555 ? ? ? ? ? ? TYPE_6_PAIR     ?     ? ? 
hydrog3  hydrog ? ? A DG 1  N1 ? ? ? 1_555 B DG  9  O6 ? ? A DG 1  B DG  21 1_555 ? ? ? ? ? ? TYPE_6_PAIR     ?     ? ? 
hydrog4  hydrog ? ? A DG 1  N2 ? ? ? 1_555 B DG  9  N7 ? ? A DG 1  B DG  21 1_555 ? ? ? ? ? ? TYPE_6_PAIR     ?     ? ? 
hydrog5  hydrog ? ? A DG 2  N1 ? ? ? 1_555 B DG  3  O6 ? ? A DG 2  B DG  15 1_555 ? ? ? ? ? ? TYPE_6_PAIR     ?     ? ? 
hydrog6  hydrog ? ? A DG 2  N2 ? ? ? 1_555 B DG  3  N7 ? ? A DG 2  B DG  15 1_555 ? ? ? ? ? ? TYPE_6_PAIR     ?     ? ? 
hydrog7  hydrog ? ? A DG 2  N7 ? ? ? 1_555 B DG  10 N2 ? ? A DG 2  B DG  22 1_555 ? ? ? ? ? ? TYPE_6_PAIR     ?     ? ? 
hydrog8  hydrog ? ? A DG 2  O6 ? ? ? 1_555 B DG  10 N1 ? ? A DG 2  B DG  22 1_555 ? ? ? ? ? ? TYPE_6_PAIR     ?     ? ? 
hydrog9  hydrog ? ? A DG 3  N7 ? ? ? 1_555 B DG  2  N2 ? ? A DG 3  B DG  14 1_555 ? ? ? ? ? ? TYPE_6_PAIR     ?     ? ? 
hydrog10 hydrog ? ? A DG 3  O6 ? ? ? 1_555 B DG  2  N1 ? ? A DG 3  B DG  14 1_555 ? ? ? ? ? ? TYPE_6_PAIR     ?     ? ? 
hydrog11 hydrog ? ? A DG 3  N1 ? ? ? 1_555 B DG  11 O6 ? ? A DG 3  B DG  23 1_555 ? ? ? ? ? ? TYPE_6_PAIR     ?     ? ? 
hydrog12 hydrog ? ? A DG 3  N2 ? ? ? 1_555 B DG  11 N7 ? ? A DG 3  B DG  23 1_555 ? ? ? ? ? ? TYPE_6_PAIR     ?     ? ? 
hydrog13 hydrog ? ? A DG 4  N1 ? ? ? 1_555 B DG  1  O6 ? ? A DG 4  B DG  13 1_555 ? ? ? ? ? ? TYPE_6_PAIR     ?     ? ? 
hydrog14 hydrog ? ? A DG 4  N2 ? ? ? 1_555 B DG  1  N7 ? ? A DG 4  B DG  13 1_555 ? ? ? ? ? ? TYPE_6_PAIR     ?     ? ? 
hydrog15 hydrog ? ? A DG 4  N7 ? ? ? 1_555 B DG  12 N2 ? ? A DG 4  B DG  24 1_555 ? ? ? ? ? ? TYPE_6_PAIR     ?     ? ? 
hydrog16 hydrog ? ? A DG 4  O6 ? ? ? 1_555 B DG  12 N1 ? ? A DG 4  B DG  24 1_555 ? ? ? ? ? ? TYPE_6_PAIR     ?     ? ? 
hydrog17 hydrog ? ? A DG 9  N7 ? ? ? 1_555 B DG  1  N2 ? ? A DG 9  B DG  13 1_555 ? ? ? ? ? ? TYPE_6_PAIR     ?     ? ? 
hydrog18 hydrog ? ? A DG 9  O6 ? ? ? 1_555 B DG  1  N1 ? ? A DG 9  B DG  13 1_555 ? ? ? ? ? ? TYPE_6_PAIR     ?     ? ? 
hydrog19 hydrog ? ? A DG 9  N1 ? ? ? 1_555 B DG  12 O6 ? ? A DG 9  B DG  24 1_555 ? ? ? ? ? ? TYPE_6_PAIR     ?     ? ? 
hydrog20 hydrog ? ? A DG 9  N2 ? ? ? 1_555 B DG  12 N7 ? ? A DG 9  B DG  24 1_555 ? ? ? ? ? ? TYPE_6_PAIR     ?     ? ? 
hydrog21 hydrog ? ? A DG 10 N1 ? ? ? 1_555 B DG  2  O6 ? ? A DG 10 B DG  14 1_555 ? ? ? ? ? ? TYPE_6_PAIR     ?     ? ? 
hydrog22 hydrog ? ? A DG 10 N2 ? ? ? 1_555 B DG  2  N7 ? ? A DG 10 B DG  14 1_555 ? ? ? ? ? ? TYPE_6_PAIR     ?     ? ? 
hydrog23 hydrog ? ? A DG 10 N7 ? ? ? 1_555 B DG  11 N2 ? ? A DG 10 B DG  23 1_555 ? ? ? ? ? ? TYPE_6_PAIR     ?     ? ? 
hydrog24 hydrog ? ? A DG 10 O6 ? ? ? 1_555 B DG  11 N1 ? ? A DG 10 B DG  23 1_555 ? ? ? ? ? ? TYPE_6_PAIR     ?     ? ? 
hydrog25 hydrog ? ? A DG 11 N7 ? ? ? 1_555 B DG  3  N2 ? ? A DG 11 B DG  15 1_555 ? ? ? ? ? ? TYPE_6_PAIR     ?     ? ? 
hydrog26 hydrog ? ? A DG 11 O6 ? ? ? 1_555 B DG  3  N1 ? ? A DG 11 B DG  15 1_555 ? ? ? ? ? ? TYPE_6_PAIR     ?     ? ? 
hydrog27 hydrog ? ? A DG 11 N1 ? ? ? 1_555 B DG  10 O6 ? ? A DG 11 B DG  22 1_555 ? ? ? ? ? ? TYPE_6_PAIR     ?     ? ? 
hydrog28 hydrog ? ? A DG 11 N2 ? ? ? 1_555 B DG  10 N7 ? ? A DG 11 B DG  22 1_555 ? ? ? ? ? ? TYPE_6_PAIR     ?     ? ? 
hydrog29 hydrog ? ? A DG 12 N1 ? ? ? 1_555 B DG  4  O6 ? ? A DG 12 B DG  16 1_555 ? ? ? ? ? ? TYPE_6_PAIR     ?     ? ? 
hydrog30 hydrog ? ? A DG 12 N2 ? ? ? 1_555 B DG  4  N7 ? ? A DG 12 B DG  16 1_555 ? ? ? ? ? ? TYPE_6_PAIR     ?     ? ? 
hydrog31 hydrog ? ? A DG 12 N7 ? ? ? 1_555 B DG  9  N2 ? ? A DG 12 B DG  21 1_555 ? ? ? ? ? ? TYPE_6_PAIR     ?     ? ? 
hydrog32 hydrog ? ? A DG 12 O6 ? ? ? 1_555 B DG  9  N1 ? ? A DG 12 B DG  21 1_555 ? ? ? ? ? ? TYPE_6_PAIR     ?     ? ? 
hydrog33 hydrog ? ? B DT 5  O2 ? ? ? 1_555 B DT  7  N3 ? ? B DT 17 B DT  19 1_555 ? ? ? ? ? ? 'DT-DT MISPAIR' ?     ? ? 
# 
loop_
_struct_conn_type.id 
_struct_conn_type.criteria 
_struct_conn_type.reference 
metalc ? ? 
hydrog ? ? 
# 
loop_
_struct_site.id 
_struct_site.pdbx_evidence_code 
_struct_site.pdbx_auth_asym_id 
_struct_site.pdbx_auth_comp_id 
_struct_site.pdbx_auth_seq_id 
_struct_site.pdbx_auth_ins_code 
_struct_site.pdbx_num_residues 
_struct_site.details 
AC1 Software A K   26 ? 10 'BINDING SITE FOR RESIDUE K A 26'   
AC2 Software A K   27 ? 10 'BINDING SITE FOR RESIDUE K A 27'   
AC3 Software A K   28 ? 9  'BINDING SITE FOR RESIDUE K A 28'   
AC4 Software A NCL 29 ? 10 'BINDING SITE FOR RESIDUE NCL A 29' 
AC5 Software B K   25 ? 8  'BINDING SITE FOR RESIDUE K B 25'   
# 
loop_
_struct_site_gen.id 
_struct_site_gen.site_id 
_struct_site_gen.pdbx_num_res 
_struct_site_gen.label_comp_id 
_struct_site_gen.label_asym_id 
_struct_site_gen.label_seq_id 
_struct_site_gen.pdbx_auth_ins_code 
_struct_site_gen.auth_comp_id 
_struct_site_gen.auth_asym_id 
_struct_site_gen.auth_seq_id 
_struct_site_gen.label_atom_id 
_struct_site_gen.label_alt_id 
_struct_site_gen.symmetry 
_struct_site_gen.details 
1  AC1 10 DG  A 1  ? DG  A 1  . ? 1_555 ? 
2  AC1 10 DG  A 2  ? DG  A 2  . ? 1_555 ? 
3  AC1 10 DG  A 11 ? DG  A 11 . ? 1_555 ? 
4  AC1 10 DG  A 12 ? DG  A 12 . ? 1_555 ? 
5  AC1 10 K   D .  ? K   A 27 . ? 1_555 ? 
6  AC1 10 DG  B 3  ? DG  B 15 . ? 1_555 ? 
7  AC1 10 DG  B 4  ? DG  B 16 . ? 1_555 ? 
8  AC1 10 DG  B 9  ? DG  B 21 . ? 1_555 ? 
9  AC1 10 DG  B 10 ? DG  B 22 . ? 1_555 ? 
10 AC1 10 K   G .  ? K   B 25 . ? 1_555 ? 
11 AC2 10 DG  A 2  ? DG  A 2  . ? 1_555 ? 
12 AC2 10 DG  A 3  ? DG  A 3  . ? 1_555 ? 
13 AC2 10 DG  A 10 ? DG  A 10 . ? 1_555 ? 
14 AC2 10 DG  A 11 ? DG  A 11 . ? 1_555 ? 
15 AC2 10 K   C .  ? K   A 26 . ? 1_555 ? 
16 AC2 10 K   E .  ? K   A 28 . ? 1_555 ? 
17 AC2 10 DG  B 2  ? DG  B 14 . ? 1_555 ? 
18 AC2 10 DG  B 3  ? DG  B 15 . ? 1_555 ? 
19 AC2 10 DG  B 10 ? DG  B 22 . ? 1_555 ? 
20 AC2 10 DG  B 11 ? DG  B 23 . ? 1_555 ? 
21 AC3 9  DG  A 3  ? DG  A 3  . ? 1_555 ? 
22 AC3 9  DG  A 4  ? DG  A 4  . ? 1_555 ? 
23 AC3 9  DG  A 9  ? DG  A 9  . ? 1_555 ? 
24 AC3 9  DG  A 10 ? DG  A 10 . ? 1_555 ? 
25 AC3 9  K   D .  ? K   A 27 . ? 1_555 ? 
26 AC3 9  DG  B 1  ? DG  B 13 . ? 1_555 ? 
27 AC3 9  DG  B 2  ? DG  B 14 . ? 1_555 ? 
28 AC3 9  DG  B 11 ? DG  B 23 . ? 1_555 ? 
29 AC3 9  DG  B 12 ? DG  B 24 . ? 1_555 ? 
30 AC4 10 DT  A 6  ? DT  A 6  . ? 1_555 ? 
31 AC4 10 DT  A 7  ? DT  A 7  . ? 1_555 ? 
32 AC4 10 DT  A 8  ? DT  A 8  . ? 1_555 ? 
33 AC4 10 DG  A 9  ? DG  A 9  . ? 1_555 ? 
34 AC4 10 HOH H .  ? HOH A 36 . ? 1_555 ? 
35 AC4 10 HOH H .  ? HOH A 56 . ? 1_555 ? 
36 AC4 10 DG  B 1  ? DG  B 13 . ? 1_555 ? 
37 AC4 10 DT  B 8  ? DT  B 20 . ? 3_556 ? 
38 AC4 10 DG  B 9  ? DG  B 21 . ? 3_556 ? 
39 AC4 10 DG  B 12 ? DG  B 24 . ? 1_555 ? 
40 AC5 8  DG  A 1  ? DG  A 1  . ? 1_555 ? 
41 AC5 8  DG  A 12 ? DG  A 12 . ? 1_555 ? 
42 AC5 8  K   C .  ? K   A 26 . ? 1_555 ? 
43 AC5 8  DG  B 4  ? DG  B 16 . ? 1_555 ? 
44 AC5 8  DT  B 5  ? DT  B 17 . ? 1_555 ? 
45 AC5 8  DT  B 7  ? DT  B 19 . ? 1_555 ? 
46 AC5 8  DG  B 9  ? DG  B 21 . ? 1_555 ? 
47 AC5 8  HOH I .  ? HOH B 42 . ? 1_555 ? 
# 
_atom_sites.entry_id                    3ET8 
_atom_sites.fract_transf_matrix[1][1]   -0.01782973 
_atom_sites.fract_transf_matrix[1][2]   -0.00272725 
_atom_sites.fract_transf_matrix[1][3]   -0.00073324 
_atom_sites.fract_transf_matrix[2][1]   -0.00367313 
_atom_sites.fract_transf_matrix[2][2]   0.02244849 
_atom_sites.fract_transf_matrix[2][3]   0.00582098 
_atom_sites.fract_transf_matrix[3][1]   0.00005084 
_atom_sites.fract_transf_matrix[3][2]   0.00925548 
_atom_sites.fract_transf_matrix[3][3]   -0.03566147 
_atom_sites.fract_transf_vector[1]      0.374191 
_atom_sites.fract_transf_vector[2]      0.266760 
_atom_sites.fract_transf_vector[3]      0.435594 
# 
loop_
_atom_type.symbol 
C 
K 
N 
O 
P 
# 
loop_
_atom_site.group_PDB 
_atom_site.id 
_atom_site.type_symbol 
_atom_site.label_atom_id 
_atom_site.label_alt_id 
_atom_site.label_comp_id 
_atom_site.label_asym_id 
_atom_site.label_entity_id 
_atom_site.label_seq_id 
_atom_site.pdbx_PDB_ins_code 
_atom_site.Cartn_x 
_atom_site.Cartn_y 
_atom_site.Cartn_z 
_atom_site.occupancy 
_atom_site.B_iso_or_equiv 
_atom_site.pdbx_formal_charge 
_atom_site.auth_seq_id 
_atom_site.auth_comp_id 
_atom_site.auth_asym_id 
_atom_site.auth_atom_id 
_atom_site.pdbx_PDB_model_num 
ATOM   1   O "O5'" . DG  A 1 1  ? 7.203   -4.318  -7.340  1.00 18.12 ? 1  DG  A "O5'" 1 
ATOM   2   C "C5'" . DG  A 1 1  ? 6.712   -4.283  -8.666  1.00 15.49 ? 1  DG  A "C5'" 1 
ATOM   3   C "C4'" . DG  A 1 1  ? 6.359   -2.881  -9.112  1.00 14.54 ? 1  DG  A "C4'" 1 
ATOM   4   O "O4'" . DG  A 1 1  ? 4.939   -2.669  -8.977  1.00 14.83 ? 1  DG  A "O4'" 1 
ATOM   5   C "C3'" . DG  A 1 1  ? 7.004   -1.753  -8.332  1.00 15.32 ? 1  DG  A "C3'" 1 
ATOM   6   O "O3'" . DG  A 1 1  ? 7.390   -0.765  -9.251  1.00 17.26 ? 1  DG  A "O3'" 1 
ATOM   7   C "C2'" . DG  A 1 1  ? 5.890   -1.275  -7.416  1.00 14.89 ? 1  DG  A "C2'" 1 
ATOM   8   C "C1'" . DG  A 1 1  ? 4.667   -1.485  -8.285  1.00 12.46 ? 1  DG  A "C1'" 1 
ATOM   9   N N9    . DG  A 1 1  ? 3.432   -1.694  -7.558  1.00 10.52 ? 1  DG  A N9    1 
ATOM   10  C C8    . DG  A 1 1  ? 2.234   -1.092  -7.860  1.00 10.73 ? 1  DG  A C8    1 
ATOM   11  N N7    . DG  A 1 1  ? 1.240   -1.452  -7.096  1.00 9.41  ? 1  DG  A N7    1 
ATOM   12  C C5    . DG  A 1 1  ? 1.826   -2.351  -6.214  1.00 10.08 ? 1  DG  A C5    1 
ATOM   13  C C6    . DG  A 1 1  ? 1.253   -3.062  -5.141  1.00 11.09 ? 1  DG  A C6    1 
ATOM   14  O O6    . DG  A 1 1  ? 0.082   -3.045  -4.721  1.00 14.31 ? 1  DG  A O6    1 
ATOM   15  N N1    . DG  A 1 1  ? 2.166   -3.872  -4.478  1.00 11.90 ? 1  DG  A N1    1 
ATOM   16  C C2    . DG  A 1 1  ? 3.487   -3.987  -4.803  1.00 9.45  ? 1  DG  A C2    1 
ATOM   17  N N2    . DG  A 1 1  ? 4.173   -4.833  -4.026  1.00 9.14  ? 1  DG  A N2    1 
ATOM   18  N N3    . DG  A 1 1  ? 4.041   -3.328  -5.813  1.00 9.38  ? 1  DG  A N3    1 
ATOM   19  C C4    . DG  A 1 1  ? 3.172   -2.521  -6.477  1.00 9.98  ? 1  DG  A C4    1 
ATOM   20  P P     . DG  A 1 2  ? 7.994   0.637   -8.811  1.00 16.67 ? 2  DG  A P     1 
ATOM   21  O OP1   . DG  A 1 2  ? 8.627   1.212   -9.988  1.00 14.81 ? 2  DG  A OP1   1 
ATOM   22  O OP2   . DG  A 1 2  ? 8.724   0.465   -7.548  1.00 17.33 ? 2  DG  A OP2   1 
ATOM   23  O "O5'" . DG  A 1 2  ? 6.678   1.465   -8.496  1.00 17.01 ? 2  DG  A "O5'" 1 
ATOM   24  C "C5'" . DG  A 1 2  ? 5.814   1.913   -9.551  1.00 16.57 ? 2  DG  A "C5'" 1 
ATOM   25  C "C4'" . DG  A 1 2  ? 4.668   2.700   -8.938  1.00 16.84 ? 2  DG  A "C4'" 1 
ATOM   26  O "O4'" . DG  A 1 2  ? 3.956   1.870   -7.976  1.00 15.08 ? 2  DG  A "O4'" 1 
ATOM   27  C "C3'" . DG  A 1 2  ? 5.071   3.961   -8.175  1.00 17.05 ? 2  DG  A "C3'" 1 
ATOM   28  O "O3'" . DG  A 1 2  ? 4.223   5.036   -8.579  1.00 19.41 ? 2  DG  A "O3'" 1 
ATOM   29  C "C2'" . DG  A 1 2  ? 4.864   3.577   -6.712  1.00 14.93 ? 2  DG  A "C2'" 1 
ATOM   30  C "C1'" . DG  A 1 2  ? 3.683   2.634   -6.844  1.00 12.59 ? 2  DG  A "C1'" 1 
ATOM   31  N N9    . DG  A 1 2  ? 3.386   1.692   -5.780  1.00 11.07 ? 2  DG  A N9    1 
ATOM   32  C C8    . DG  A 1 2  ? 4.219   0.842   -5.092  1.00 9.58  ? 2  DG  A C8    1 
ATOM   33  N N7    . DG  A 1 2  ? 3.572   0.130   -4.202  1.00 11.20 ? 2  DG  A N7    1 
ATOM   34  C C5    . DG  A 1 2  ? 2.228   0.519   -4.324  1.00 10.01 ? 2  DG  A C5    1 
ATOM   35  C C6    . DG  A 1 2  ? 1.042   0.124   -3.649  1.00 10.51 ? 2  DG  A C6    1 
ATOM   36  O O6    . DG  A 1 2  ? 0.862   -0.697  -2.751  1.00 11.71 ? 2  DG  A O6    1 
ATOM   37  N N1    . DG  A 1 2  ? -0.099  0.792   -4.070  1.00 10.68 ? 2  DG  A N1    1 
ATOM   38  C C2    . DG  A 1 2  ? -0.117  1.739   -5.058  1.00 10.40 ? 2  DG  A C2    1 
ATOM   39  N N2    . DG  A 1 2  ? -1.318  2.268   -5.323  1.00 9.11  ? 2  DG  A N2    1 
ATOM   40  N N3    . DG  A 1 2  ? 0.975   2.136   -5.704  1.00 9.91  ? 2  DG  A N3    1 
ATOM   41  C C4    . DG  A 1 2  ? 2.106   1.487   -5.291  1.00 10.54 ? 2  DG  A C4    1 
ATOM   42  P P     . DG  A 1 3  ? 4.391   6.481   -7.937  1.00 21.34 ? 3  DG  A P     1 
ATOM   43  O OP1   . DG  A 1 3  ? 5.164   7.289   -8.880  1.00 21.11 ? 3  DG  A OP1   1 
ATOM   44  O OP2   . DG  A 1 3  ? 4.821   6.392   -6.520  1.00 22.51 ? 3  DG  A OP2   1 
ATOM   45  O "O5'" . DG  A 1 3  ? 2.887   6.951   -7.877  1.00 21.12 ? 3  DG  A "O5'" 1 
ATOM   46  C "C5'" . DG  A 1 3  ? 2.107   6.357   -6.848  1.00 19.40 ? 3  DG  A "C5'" 1 
ATOM   47  C "C4'" . DG  A 1 3  ? 0.807   7.111   -6.738  1.00 17.95 ? 3  DG  A "C4'" 1 
ATOM   48  O "O4'" . DG  A 1 3  ? -0.203  6.270   -6.140  1.00 17.08 ? 3  DG  A "O4'" 1 
ATOM   49  C "C3'" . DG  A 1 3  ? 0.947   8.338   -5.863  1.00 17.03 ? 3  DG  A "C3'" 1 
ATOM   50  O "O3'" . DG  A 1 3  ? 0.123   9.359   -6.366  1.00 17.51 ? 3  DG  A "O3'" 1 
ATOM   51  C "C2'" . DG  A 1 3  ? 0.433   7.829   -4.531  1.00 16.27 ? 3  DG  A "C2'" 1 
ATOM   52  C "C1'" . DG  A 1 3  ? -0.646  6.834   -4.938  1.00 15.04 ? 3  DG  A "C1'" 1 
ATOM   53  N N9    . DG  A 1 3  ? -0.835  5.798   -3.929  1.00 14.00 ? 3  DG  A N9    1 
ATOM   54  C C8    . DG  A 1 3  ? -2.030  5.466   -3.350  1.00 13.76 ? 3  DG  A C8    1 
ATOM   55  N N7    . DG  A 1 3  ? -1.932  4.526   -2.468  1.00 14.43 ? 3  DG  A N7    1 
ATOM   56  C C5    . DG  A 1 3  ? -0.583  4.215   -2.449  1.00 13.02 ? 3  DG  A C5    1 
ATOM   57  C C6    . DG  A 1 3  ? 0.114   3.258   -1.678  1.00 14.04 ? 3  DG  A C6    1 
ATOM   58  O O6    . DG  A 1 3  ? -0.350  2.489   -0.825  1.00 15.18 ? 3  DG  A O6    1 
ATOM   59  N N1    . DG  A 1 3  ? 1.489   3.228   -1.937  1.00 13.51 ? 3  DG  A N1    1 
ATOM   60  C C2    . DG  A 1 3  ? 2.108   4.046   -2.840  1.00 12.14 ? 3  DG  A C2    1 
ATOM   61  N N2    . DG  A 1 3  ? 3.421   3.870   -2.951  1.00 12.95 ? 3  DG  A N2    1 
ATOM   62  N N3    . DG  A 1 3  ? 1.471   4.945   -3.580  1.00 12.59 ? 3  DG  A N3    1 
ATOM   63  C C4    . DG  A 1 3  ? 0.121   4.984   -3.337  1.00 13.74 ? 3  DG  A C4    1 
ATOM   64  P P     . DG  A 1 4  ? 0.315   10.886  -5.962  1.00 16.46 ? 4  DG  A P     1 
ATOM   65  O OP1   . DG  A 1 4  ? 0.172   11.647  -7.212  1.00 17.08 ? 4  DG  A OP1   1 
ATOM   66  O OP2   . DG  A 1 4  ? 1.542   11.013  -5.167  1.00 17.13 ? 4  DG  A OP2   1 
ATOM   67  O "O5'" . DG  A 1 4  ? -0.926  11.178  -5.020  1.00 15.58 ? 4  DG  A "O5'" 1 
ATOM   68  C "C5'" . DG  A 1 4  ? -2.177  10.520  -5.199  1.00 12.83 ? 4  DG  A "C5'" 1 
ATOM   69  C "C4'" . DG  A 1 4  ? -2.866  10.429  -3.855  1.00 11.76 ? 4  DG  A "C4'" 1 
ATOM   70  O "O4'" . DG  A 1 4  ? -2.388  9.262   -3.157  1.00 10.58 ? 4  DG  A "O4'" 1 
ATOM   71  C "C3'" . DG  A 1 4  ? -2.639  11.591  -2.881  1.00 13.08 ? 4  DG  A "C3'" 1 
ATOM   72  O "O3'" . DG  A 1 4  ? -3.931  12.030  -2.450  1.00 15.82 ? 4  DG  A "O3'" 1 
ATOM   73  C "C2'" . DG  A 1 4  ? -1.852  10.940  -1.737  1.00 12.40 ? 4  DG  A "C2'" 1 
ATOM   74  C "C1'" . DG  A 1 4  ? -2.380  9.517   -1.780  1.00 10.11 ? 4  DG  A "C1'" 1 
ATOM   75  N N9    . DG  A 1 4  ? -1.539  8.506   -1.176  1.00 8.41  ? 4  DG  A N9    1 
ATOM   76  C C8    . DG  A 1 4  ? -0.197  8.361   -1.381  1.00 8.26  ? 4  DG  A C8    1 
ATOM   77  N N7    . DG  A 1 4  ? 0.337   7.365   -0.748  1.00 9.23  ? 4  DG  A N7    1 
ATOM   78  C C5    . DG  A 1 4  ? -0.733  6.802   -0.065  1.00 10.41 ? 4  DG  A C5    1 
ATOM   79  C C6    . DG  A 1 4  ? -0.766  5.688   0.814   1.00 11.60 ? 4  DG  A C6    1 
ATOM   80  O O6    . DG  A 1 4  ? 0.175   4.951   1.163   1.00 13.28 ? 4  DG  A O6    1 
ATOM   81  N N1    . DG  A 1 4  ? -2.046  5.429   1.307   1.00 10.73 ? 4  DG  A N1    1 
ATOM   82  C C2    . DG  A 1 4  ? -3.165  6.162   0.995   1.00 10.42 ? 4  DG  A C2    1 
ATOM   83  N N2    . DG  A 1 4  ? -4.306  5.766   1.570   1.00 7.47  ? 4  DG  A N2    1 
ATOM   84  N N3    . DG  A 1 4  ? -3.142  7.204   0.174   1.00 10.45 ? 4  DG  A N3    1 
ATOM   85  C C4    . DG  A 1 4  ? -1.901  7.483   -0.321  1.00 9.85  ? 4  DG  A C4    1 
ATOM   86  P P     . DT  A 1 5  ? -4.288  13.287  -1.537  1.00 15.65 ? 5  DT  A P     1 
ATOM   87  O OP1   . DT  A 1 5  ? -5.451  13.872  -2.227  1.00 16.08 ? 5  DT  A OP1   1 
ATOM   88  O OP2   . DT  A 1 5  ? -3.134  14.137  -1.218  1.00 16.39 ? 5  DT  A OP2   1 
ATOM   89  O "O5'" . DT  A 1 5  ? -4.692  12.583  -0.168  1.00 15.97 ? 5  DT  A "O5'" 1 
ATOM   90  C "C5'" . DT  A 1 5  ? -5.630  13.173  0.730   1.00 16.73 ? 5  DT  A "C5'" 1 
ATOM   91  C "C4'" . DT  A 1 5  ? -6.088  12.144  1.741   1.00 16.07 ? 5  DT  A "C4'" 1 
ATOM   92  O "O4'" . DT  A 1 5  ? -6.981  11.213  1.087   1.00 17.97 ? 5  DT  A "O4'" 1 
ATOM   93  C "C3'" . DT  A 1 5  ? -4.964  11.299  2.311   1.00 16.69 ? 5  DT  A "C3'" 1 
ATOM   94  O "O3'" . DT  A 1 5  ? -5.308  11.011  3.633   1.00 17.58 ? 5  DT  A "O3'" 1 
ATOM   95  C "C2'" . DT  A 1 5  ? -4.974  10.047  1.448   1.00 16.73 ? 5  DT  A "C2'" 1 
ATOM   96  C "C1'" . DT  A 1 5  ? -6.447  9.906   1.084   1.00 16.62 ? 5  DT  A "C1'" 1 
ATOM   97  N N1    . DT  A 1 5  ? -6.563  9.303   -0.266  1.00 17.22 ? 5  DT  A N1    1 
ATOM   98  C C2    . DT  A 1 5  ? -6.647  7.926   -0.384  1.00 17.04 ? 5  DT  A C2    1 
ATOM   99  O O2    . DT  A 1 5  ? -6.667  7.156   0.554   1.00 16.76 ? 5  DT  A O2    1 
ATOM   100 N N3    . DT  A 1 5  ? -6.723  7.484   -1.674  1.00 17.07 ? 5  DT  A N3    1 
ATOM   101 C C4    . DT  A 1 5  ? -6.719  8.229   -2.838  1.00 17.30 ? 5  DT  A C4    1 
ATOM   102 O O4    . DT  A 1 5  ? -6.803  7.689   -3.945  1.00 18.62 ? 5  DT  A O4    1 
ATOM   103 C C5    . DT  A 1 5  ? -6.626  9.651   -2.656  1.00 17.17 ? 5  DT  A C5    1 
ATOM   104 C C7    . DT  A 1 5  ? -6.618  10.588  -3.836  1.00 17.53 ? 5  DT  A C7    1 
ATOM   105 C C6    . DT  A 1 5  ? -6.553  10.109  -1.396  1.00 17.51 ? 5  DT  A C6    1 
ATOM   106 P P     . DT  A 1 6  ? -4.264  10.528  4.737   1.00 17.60 ? 6  DT  A P     1 
ATOM   107 O OP1   . DT  A 1 6  ? -5.017  10.447  6.018   1.00 16.81 ? 6  DT  A OP1   1 
ATOM   108 O OP2   . DT  A 1 6  ? -3.091  11.423  4.701   1.00 18.70 ? 6  DT  A OP2   1 
ATOM   109 O "O5'" . DT  A 1 6  ? -3.800  9.099   4.182   1.00 15.02 ? 6  DT  A "O5'" 1 
ATOM   110 C "C5'" . DT  A 1 6  ? -4.169  7.907   4.824   1.00 15.72 ? 6  DT  A "C5'" 1 
ATOM   111 C "C4'" . DT  A 1 6  ? -2.939  7.115   5.208   1.00 16.93 ? 6  DT  A "C4'" 1 
ATOM   112 O "O4'" . DT  A 1 6  ? -2.145  6.884   4.032   1.00 18.42 ? 6  DT  A "O4'" 1 
ATOM   113 C "C3'" . DT  A 1 6  ? -1.970  7.809   6.148   1.00 17.37 ? 6  DT  A "C3'" 1 
ATOM   114 O "O3'" . DT  A 1 6  ? -2.416  7.528   7.431   1.00 19.49 ? 6  DT  A "O3'" 1 
ATOM   115 C "C2'" . DT  A 1 6  ? -0.663  7.081   5.886   1.00 15.49 ? 6  DT  A "C2'" 1 
ATOM   116 C "C1'" . DT  A 1 6  ? -0.776  6.800   4.401   1.00 15.80 ? 6  DT  A "C1'" 1 
ATOM   117 N N1    . DT  A 1 6  ? 0.033   7.700   3.534   1.00 13.92 ? 6  DT  A N1    1 
ATOM   118 C C2    . DT  A 1 6  ? 1.357   7.410   3.375   1.00 14.23 ? 6  DT  A C2    1 
ATOM   119 O O2    . DT  A 1 6  ? 1.879   6.448   3.936   1.00 15.15 ? 6  DT  A O2    1 
ATOM   120 N N3    . DT  A 1 6  ? 2.025   8.280   2.552   1.00 11.45 ? 6  DT  A N3    1 
ATOM   121 C C4    . DT  A 1 6  ? 1.516   9.380   1.903   1.00 12.23 ? 6  DT  A C4    1 
ATOM   122 O O4    . DT  A 1 6  ? 2.220   10.094  1.184   1.00 13.26 ? 6  DT  A O4    1 
ATOM   123 C C5    . DT  A 1 6  ? 0.110   9.622   2.131   1.00 12.74 ? 6  DT  A C5    1 
ATOM   124 C C7    . DT  A 1 6  ? -0.633  10.775  1.509   1.00 12.57 ? 6  DT  A C7    1 
ATOM   125 C C6    . DT  A 1 6  ? -0.542  8.774   2.921   1.00 12.41 ? 6  DT  A C6    1 
ATOM   126 P P     . DT  A 1 7  ? -1.757  8.203   8.700   1.00 19.86 ? 7  DT  A P     1 
ATOM   127 O OP1   . DT  A 1 7  ? -2.676  7.907   9.822   1.00 19.62 ? 7  DT  A OP1   1 
ATOM   128 O OP2   . DT  A 1 7  ? -1.391  9.591   8.344   1.00 20.96 ? 7  DT  A OP2   1 
ATOM   129 O "O5'" . DT  A 1 7  ? -0.413  7.369   8.844   1.00 20.43 ? 7  DT  A "O5'" 1 
ATOM   130 C "C5'" . DT  A 1 7  ? 0.419   7.512   9.959   1.00 21.24 ? 7  DT  A "C5'" 1 
ATOM   131 C "C4'" . DT  A 1 7  ? 1.585   6.559   9.792   1.00 21.99 ? 7  DT  A "C4'" 1 
ATOM   132 O "O4'" . DT  A 1 7  ? 2.231   6.716   8.494   1.00 19.76 ? 7  DT  A "O4'" 1 
ATOM   133 C "C3'" . DT  A 1 7  ? 2.669   6.786   10.824  1.00 22.18 ? 7  DT  A "C3'" 1 
ATOM   134 O "O3'" . DT  A 1 7  ? 3.098   5.533   11.276  1.00 25.00 ? 7  DT  A "O3'" 1 
ATOM   135 C "C2'" . DT  A 1 7  ? 3.747   7.520   10.035  1.00 20.72 ? 7  DT  A "C2'" 1 
ATOM   136 C "C1'" . DT  A 1 7  ? 3.622   6.840   8.687   1.00 19.13 ? 7  DT  A "C1'" 1 
ATOM   137 N N1    . DT  A 1 7  ? 4.290   7.615   7.600   1.00 19.17 ? 7  DT  A N1    1 
ATOM   138 C C2    . DT  A 1 7  ? 5.654   7.436   7.425   1.00 19.16 ? 7  DT  A C2    1 
ATOM   139 O O2    . DT  A 1 7  ? 6.332   6.674   8.086   1.00 18.87 ? 7  DT  A O2    1 
ATOM   140 N N3    . DT  A 1 7  ? 6.212   8.188   6.426   1.00 19.48 ? 7  DT  A N3    1 
ATOM   141 C C4    . DT  A 1 7  ? 5.559   9.088   5.605   1.00 19.03 ? 7  DT  A C4    1 
ATOM   142 O O4    . DT  A 1 7  ? 6.150   9.706   4.733   1.00 20.45 ? 7  DT  A O4    1 
ATOM   143 C C5    . DT  A 1 7  ? 4.147   9.234   5.843   1.00 18.78 ? 7  DT  A C5    1 
ATOM   144 C C7    . DT  A 1 7  ? 3.366   10.186  4.997   1.00 19.66 ? 7  DT  A C7    1 
ATOM   145 C C6    . DT  A 1 7  ? 3.576   8.511   6.816   1.00 17.97 ? 7  DT  A C6    1 
ATOM   146 P P     . DT  A 1 8  ? 2.678   5.097   12.741  1.00 29.49 ? 8  DT  A P     1 
ATOM   147 O OP1   . DT  A 1 8  ? 1.278   4.636   12.716  1.00 30.07 ? 8  DT  A OP1   1 
ATOM   148 O OP2   . DT  A 1 8  ? 3.106   6.166   13.665  1.00 29.75 ? 8  DT  A OP2   1 
ATOM   149 O "O5'" . DT  A 1 8  ? 3.580   3.819   12.992  1.00 30.73 ? 8  DT  A "O5'" 1 
ATOM   150 C "C5'" . DT  A 1 8  ? 4.989   3.904   12.967  1.00 33.22 ? 8  DT  A "C5'" 1 
ATOM   151 C "C4'" . DT  A 1 8  ? 5.513   2.485   13.009  1.00 35.23 ? 8  DT  A "C4'" 1 
ATOM   152 O "O4'" . DT  A 1 8  ? 4.832   1.714   14.032  1.00 36.59 ? 8  DT  A "O4'" 1 
ATOM   153 C "C3'" . DT  A 1 8  ? 5.313   1.711   11.717  1.00 35.88 ? 8  DT  A "C3'" 1 
ATOM   154 O "O3'" . DT  A 1 8  ? 6.527   1.019   11.454  1.00 34.01 ? 8  DT  A "O3'" 1 
ATOM   155 C "C2'" . DT  A 1 8  ? 4.128   0.780   12.005  1.00 37.40 ? 8  DT  A "C2'" 1 
ATOM   156 C "C1'" . DT  A 1 8  ? 4.306   0.516   13.491  1.00 39.19 ? 8  DT  A "C1'" 1 
ATOM   157 N N1    . DT  A 1 8  ? 3.066   0.153   14.255  1.00 40.78 ? 8  DT  A N1    1 
ATOM   158 C C2    . DT  A 1 8  ? 2.683   -1.171  14.353  1.00 42.74 ? 8  DT  A C2    1 
ATOM   159 O O2    . DT  A 1 8  ? 3.295   -2.090  13.820  1.00 43.19 ? 8  DT  A O2    1 
ATOM   160 N N3    . DT  A 1 8  ? 1.540   -1.378  15.103  1.00 43.11 ? 8  DT  A N3    1 
ATOM   161 C C4    . DT  A 1 8  ? 0.767   -0.416  15.752  1.00 43.09 ? 8  DT  A C4    1 
ATOM   162 O O4    . DT  A 1 8  ? -0.243  -0.719  16.394  1.00 42.51 ? 8  DT  A O4    1 
ATOM   163 C C5    . DT  A 1 8  ? 1.235   0.952   15.610  1.00 42.56 ? 8  DT  A C5    1 
ATOM   164 C C7    . DT  A 1 8  ? 0.519   2.118   16.240  1.00 42.16 ? 8  DT  A C7    1 
ATOM   165 C C6    . DT  A 1 8  ? 2.343   1.151   14.885  1.00 42.05 ? 8  DT  A C6    1 
ATOM   166 P P     . DG  A 1 9  ? 7.572   1.539   10.366  1.00 31.37 ? 9  DG  A P     1 
ATOM   167 O OP1   . DG  A 1 9  ? 8.815   0.786   10.633  1.00 31.52 ? 9  DG  A OP1   1 
ATOM   168 O OP2   . DG  A 1 9  ? 7.585   3.017   10.402  1.00 31.42 ? 9  DG  A OP2   1 
ATOM   169 O "O5'" . DG  A 1 9  ? 6.918   1.067   8.976   1.00 28.68 ? 9  DG  A "O5'" 1 
ATOM   170 C "C5'" . DG  A 1 9  ? 6.880   -0.317  8.573   1.00 24.49 ? 9  DG  A "C5'" 1 
ATOM   171 C "C4'" . DG  A 1 9  ? 5.811   -1.169  9.254   1.00 21.53 ? 9  DG  A "C4'" 1 
ATOM   172 O "O4'" . DG  A 1 9  ? 4.507   -0.541  9.170   1.00 19.85 ? 9  DG  A "O4'" 1 
ATOM   173 C "C3'" . DG  A 1 9  ? 5.641   -2.570  8.674   1.00 20.81 ? 9  DG  A "C3'" 1 
ATOM   174 O "O3'" . DG  A 1 9  ? 5.468   -3.554  9.708   1.00 20.92 ? 9  DG  A "O3'" 1 
ATOM   175 C "C2'" . DG  A 1 9  ? 4.401   -2.431  7.815   1.00 18.76 ? 9  DG  A "C2'" 1 
ATOM   176 C "C1'" . DG  A 1 9  ? 3.571   -1.439  8.615   1.00 18.34 ? 9  DG  A "C1'" 1 
ATOM   177 N N9    . DG  A 1 9  ? 2.660   -0.692  7.754   1.00 17.42 ? 9  DG  A N9    1 
ATOM   178 C C8    . DG  A 1 9  ? 1.309   -0.553  7.894   1.00 16.83 ? 9  DG  A C8    1 
ATOM   179 N N7    . DG  A 1 9  ? 0.767   0.178   6.962   1.00 16.68 ? 9  DG  A N7    1 
ATOM   180 C C5    . DG  A 1 9  ? 1.824   0.537   6.148   1.00 16.80 ? 9  DG  A C5    1 
ATOM   181 C C6    . DG  A 1 9  ? 1.864   1.331   4.981   1.00 17.22 ? 9  DG  A C6    1 
ATOM   182 O O6    . DG  A 1 9  ? 0.918   1.884   4.416   1.00 18.29 ? 9  DG  A O6    1 
ATOM   183 N N1    . DG  A 1 9  ? 3.146   1.467   4.436   1.00 17.78 ? 9  DG  A N1    1 
ATOM   184 C C2    . DG  A 1 9  ? 4.273   0.893   4.983   1.00 17.86 ? 9  DG  A C2    1 
ATOM   185 N N2    . DG  A 1 9  ? 5.436   1.100   4.369   1.00 18.01 ? 9  DG  A N2    1 
ATOM   186 N N3    . DG  A 1 9  ? 4.250   0.160   6.083   1.00 17.88 ? 9  DG  A N3    1 
ATOM   187 C C4    . DG  A 1 9  ? 2.998   0.011   6.615   1.00 17.26 ? 9  DG  A C4    1 
ATOM   188 P P     . DG  A 1 10 ? 5.207   -5.112  9.403   1.00 22.02 ? 10 DG  A P     1 
ATOM   189 O OP1   . DG  A 1 10 ? 5.310   -5.779  10.724  1.00 21.40 ? 10 DG  A OP1   1 
ATOM   190 O OP2   . DG  A 1 10 ? 6.005   -5.554  8.239   1.00 20.26 ? 10 DG  A OP2   1 
ATOM   191 O "O5'" . DG  A 1 10 ? 3.682   -5.236  8.957   1.00 21.00 ? 10 DG  A "O5'" 1 
ATOM   192 C "C5'" . DG  A 1 10 ? 2.623   -4.935  9.858   1.00 20.60 ? 10 DG  A "C5'" 1 
ATOM   193 C "C4'" . DG  A 1 10 ? 1.336   -4.822  9.078   1.00 19.73 ? 10 DG  A "C4'" 1 
ATOM   194 O "O4'" . DG  A 1 10 ? 1.440   -3.784  8.071   1.00 19.03 ? 10 DG  A "O4'" 1 
ATOM   195 C "C3'" . DG  A 1 10 ? 0.948   -6.076  8.311   1.00 20.46 ? 10 DG  A "C3'" 1 
ATOM   196 O "O3'" . DG  A 1 10 ? -0.432  -6.156  8.531   1.00 22.52 ? 10 DG  A "O3'" 1 
ATOM   197 C "C2'" . DG  A 1 10 ? 1.292   -5.718  6.860   1.00 19.73 ? 10 DG  A "C2'" 1 
ATOM   198 C "C1'" . DG  A 1 10 ? 0.823   -4.277  6.906   1.00 17.73 ? 10 DG  A "C1'" 1 
ATOM   199 N N9    . DG  A 1 10 ? 1.078   -3.433  5.741   1.00 16.06 ? 10 DG  A N9    1 
ATOM   200 C C8    . DG  A 1 10 ? 2.240   -3.243  5.045   1.00 15.03 ? 10 DG  A C8    1 
ATOM   201 N N7    . DG  A 1 10 ? 2.092   -2.414  4.042   1.00 15.07 ? 10 DG  A N7    1 
ATOM   202 C C5    . DG  A 1 10 ? 0.765   -2.024  4.073   1.00 14.52 ? 10 DG  A C5    1 
ATOM   203 C C6    . DG  A 1 10 ? 0.027   -1.138  3.251   1.00 15.03 ? 10 DG  A C6    1 
ATOM   204 O O6    . DG  A 1 10 ? 0.415   -0.473  2.277   1.00 16.88 ? 10 DG  A O6    1 
ATOM   205 N N1    . DG  A 1 10 ? -1.313  -1.025  3.625   1.00 14.32 ? 10 DG  A N1    1 
ATOM   206 C C2    . DG  A 1 10 ? -1.863  -1.675  4.695   1.00 14.37 ? 10 DG  A C2    1 
ATOM   207 N N2    . DG  A 1 10 ? -3.160  -1.448  4.921   1.00 15.22 ? 10 DG  A N2    1 
ATOM   208 N N3    . DG  A 1 10 ? -1.187  -2.505  5.476   1.00 14.01 ? 10 DG  A N3    1 
ATOM   209 C C4    . DG  A 1 10 ? 0.120   -2.642  5.116   1.00 15.39 ? 10 DG  A C4    1 
ATOM   210 P P     . DG  A 1 11 ? -1.323  -7.418  8.151   1.00 23.44 ? 11 DG  A P     1 
ATOM   211 O OP1   . DG  A 1 11 ? -1.556  -8.218  9.361   1.00 24.69 ? 11 DG  A OP1   1 
ATOM   212 O OP2   . DG  A 1 11 ? -0.834  -8.074  6.920   1.00 24.00 ? 11 DG  A OP2   1 
ATOM   213 O "O5'" . DG  A 1 11 ? -2.650  -6.634  7.814   1.00 22.11 ? 11 DG  A "O5'" 1 
ATOM   214 C "C5'" . DG  A 1 11 ? -2.771  -6.087  6.525   1.00 19.71 ? 11 DG  A "C5'" 1 
ATOM   215 C "C4'" . DG  A 1 11 ? -4.222  -6.252  6.125   1.00 18.46 ? 11 DG  A "C4'" 1 
ATOM   216 O "O4'" . DG  A 1 11 ? -4.638  -5.177  5.247   1.00 17.66 ? 11 DG  A "O4'" 1 
ATOM   217 C "C3'" . DG  A 1 11 ? -4.521  -7.552  5.409   1.00 17.42 ? 11 DG  A "C3'" 1 
ATOM   218 O "O3'" . DG  A 1 11 ? -5.782  -7.982  5.887   1.00 17.84 ? 11 DG  A "O3'" 1 
ATOM   219 C "C2'" . DG  A 1 11 ? -4.507  -7.088  3.960   1.00 16.45 ? 11 DG  A "C2'" 1 
ATOM   220 C "C1'" . DG  A 1 11 ? -5.116  -5.692  4.044   1.00 14.26 ? 11 DG  A "C1'" 1 
ATOM   221 N N9    . DG  A 1 11 ? -4.661  -4.761  3.034   1.00 11.08 ? 11 DG  A N9    1 
ATOM   222 C C8    . DG  A 1 11 ? -5.415  -3.854  2.328   1.00 11.53 ? 11 DG  A C8    1 
ATOM   223 N N7    . DG  A 1 11 ? -4.720  -3.149  1.470   1.00 11.69 ? 11 DG  A N7    1 
ATOM   224 C C5    . DG  A 1 11 ? -3.429  -3.625  1.636   1.00 10.70 ? 11 DG  A C5    1 
ATOM   225 C C6    . DG  A 1 11 ? -2.228  -3.257  1.011   1.00 11.91 ? 11 DG  A C6    1 
ATOM   226 O O6    . DG  A 1 11 ? -2.077  -2.395  0.133   1.00 14.37 ? 11 DG  A O6    1 
ATOM   227 N N1    . DG  A 1 11 ? -1.114  -3.978  1.468   1.00 10.22 ? 11 DG  A N1    1 
ATOM   228 C C2    . DG  A 1 11 ? -1.177  -4.951  2.417   1.00 9.52  ? 11 DG  A C2    1 
ATOM   229 N N2    . DG  A 1 11 ? -0.045  -5.556  2.736   1.00 11.53 ? 11 DG  A N2    1 
ATOM   230 N N3    . DG  A 1 11 ? -2.286  -5.311  3.021   1.00 10.86 ? 11 DG  A N3    1 
ATOM   231 C C4    . DG  A 1 11 ? -3.373  -4.611  2.594   1.00 11.44 ? 11 DG  A C4    1 
ATOM   232 P P     . DG  A 1 12 ? -6.503  -9.326  5.408   1.00 19.26 ? 12 DG  A P     1 
ATOM   233 O OP1   . DG  A 1 12 ? -7.485  -9.662  6.457   1.00 17.91 ? 12 DG  A OP1   1 
ATOM   234 O OP2   . DG  A 1 12 ? -5.442  -10.252 4.969   1.00 17.53 ? 12 DG  A OP2   1 
ATOM   235 O "O5'" . DG  A 1 12 ? -7.317  -8.946  4.082   1.00 15.95 ? 12 DG  A "O5'" 1 
ATOM   236 C "C5'" . DG  A 1 12 ? -8.441  -8.077  4.051   1.00 13.14 ? 12 DG  A "C5'" 1 
ATOM   237 C "C4'" . DG  A 1 12 ? -8.790  -7.798  2.607   1.00 11.98 ? 12 DG  A "C4'" 1 
ATOM   238 O "O4'" . DG  A 1 12 ? -7.709  -7.039  2.004   1.00 11.82 ? 12 DG  A "O4'" 1 
ATOM   239 C "C3'" . DG  A 1 12 ? -8.937  -9.039  1.741   1.00 12.64 ? 12 DG  A "C3'" 1 
ATOM   240 O "O3'" . DG  A 1 12 ? -10.130 -8.944  1.057   1.00 15.14 ? 12 DG  A "O3'" 1 
ATOM   241 C "C2'" . DG  A 1 12 ? -7.801  -8.972  0.729   1.00 11.31 ? 12 DG  A "C2'" 1 
ATOM   242 C "C1'" . DG  A 1 12 ? -7.561  -7.465  0.682   1.00 10.86 ? 12 DG  A "C1'" 1 
ATOM   243 N N9    . DG  A 1 12 ? -6.224  -7.110  0.224   1.00 11.07 ? 12 DG  A N9    1 
ATOM   244 C C8    . DG  A 1 12 ? -5.030  -7.704  0.581   1.00 9.89  ? 12 DG  A C8    1 
ATOM   245 N N7    . DG  A 1 12 ? -4.006  -7.192  -0.019  1.00 10.09 ? 12 DG  A N7    1 
ATOM   246 C C5    . DG  A 1 12 ? -4.552  -6.208  -0.828  1.00 9.04  ? 12 DG  A C5    1 
ATOM   247 C C6    . DG  A 1 12 ? -3.942  -5.295  -1.712  1.00 9.93  ? 12 DG  A C6    1 
ATOM   248 O O6    . DG  A 1 12 ? -2.753  -5.162  -1.996  1.00 12.51 ? 12 DG  A O6    1 
ATOM   249 N N1    . DG  A 1 12 ? -4.838  -4.457  -2.361  1.00 10.04 ? 12 DG  A N1    1 
ATOM   250 C C2    . DG  A 1 12 ? -6.190  -4.489  -2.180  1.00 8.08  ? 12 DG  A C2    1 
ATOM   251 N N2    . DG  A 1 12 ? -6.883  -3.610  -2.901  1.00 9.36  ? 12 DG  A N2    1 
ATOM   252 N N3    . DG  A 1 12 ? -6.787  -5.319  -1.335  1.00 9.67  ? 12 DG  A N3    1 
ATOM   253 C C4    . DG  A 1 12 ? -5.914  -6.145  -0.697  1.00 9.76  ? 12 DG  A C4    1 
ATOM   254 O "O5'" . DG  B 1 1  ? -5.527  0.539   8.756   1.00 18.65 ? 13 DG  B "O5'" 1 
ATOM   255 C "C5'" . DG  B 1 1  ? -6.413  1.442   9.367   1.00 18.50 ? 13 DG  B "C5'" 1 
ATOM   256 C "C4'" . DG  B 1 1  ? -7.460  1.899   8.358   1.00 18.12 ? 13 DG  B "C4'" 1 
ATOM   257 O "O4'" . DG  B 1 1  ? -6.876  2.927   7.519   1.00 18.69 ? 13 DG  B "O4'" 1 
ATOM   258 C "C3'" . DG  B 1 1  ? -7.980  0.836   7.389   1.00 18.00 ? 13 DG  B "C3'" 1 
ATOM   259 O "O3'" . DG  B 1 1  ? -9.364  1.066   7.073   1.00 17.07 ? 13 DG  B "O3'" 1 
ATOM   260 C "C2'" . DG  B 1 1  ? -7.083  1.027   6.167   1.00 16.83 ? 13 DG  B "C2'" 1 
ATOM   261 C "C1'" . DG  B 1 1  ? -6.976  2.544   6.167   1.00 16.14 ? 13 DG  B "C1'" 1 
ATOM   262 N N9    . DG  B 1 1  ? -5.863  3.035   5.372   1.00 15.25 ? 13 DG  B N9    1 
ATOM   263 C C8    . DG  B 1 1  ? -5.995  3.953   4.367   1.00 12.88 ? 13 DG  B C8    1 
ATOM   264 N N7    . DG  B 1 1  ? -4.883  4.206   3.777   1.00 13.72 ? 13 DG  B N7    1 
ATOM   265 C C5    . DG  B 1 1  ? -3.946  3.398   4.420   1.00 13.76 ? 13 DG  B C5    1 
ATOM   266 C C6    . DG  B 1 1  ? -2.558  3.262   4.192   1.00 14.48 ? 13 DG  B C6    1 
ATOM   267 O O6    . DG  B 1 1  ? -1.844  3.842   3.339   1.00 16.74 ? 13 DG  B O6    1 
ATOM   268 N N1    . DG  B 1 1  ? -1.972  2.356   5.059   1.00 12.40 ? 13 DG  B N1    1 
ATOM   269 C C2    . DG  B 1 1  ? -2.621  1.642   6.011   1.00 12.51 ? 13 DG  B C2    1 
ATOM   270 N N2    . DG  B 1 1  ? -1.851  0.813   6.714   1.00 11.21 ? 13 DG  B N2    1 
ATOM   271 N N3    . DG  B 1 1  ? -3.921  1.757   6.238   1.00 13.80 ? 13 DG  B N3    1 
ATOM   272 C C4    . DG  B 1 1  ? -4.523  2.658   5.409   1.00 14.33 ? 13 DG  B C4    1 
ATOM   273 P P     . DG  B 1 2  ? -10.201 0.043   6.168   1.00 18.36 ? 14 DG  B P     1 
ATOM   274 O OP1   . DG  B 1 2  ? -11.601 0.232   6.557   1.00 19.83 ? 14 DG  B OP1   1 
ATOM   275 O OP2   . DG  B 1 2  ? -9.602  -1.296  6.220   1.00 19.14 ? 14 DG  B OP2   1 
ATOM   276 O "O5'" . DG  B 1 2  ? -10.018 0.540   4.662   1.00 17.09 ? 14 DG  B "O5'" 1 
ATOM   277 C "C5'" . DG  B 1 2  ? -10.458 1.843   4.316   1.00 16.63 ? 14 DG  B "C5'" 1 
ATOM   278 C "C4'" . DG  B 1 2  ? -10.050 2.188   2.901   1.00 15.61 ? 14 DG  B "C4'" 1 
ATOM   279 O "O4'" . DG  B 1 2  ? -8.620  2.432   2.808   1.00 15.44 ? 14 DG  B "O4'" 1 
ATOM   280 C "C3'" . DG  B 1 2  ? -10.322 1.048   1.937   1.00 14.38 ? 14 DG  B "C3'" 1 
ATOM   281 O "O3'" . DG  B 1 2  ? -10.715 1.602   0.731   1.00 12.98 ? 14 DG  B "O3'" 1 
ATOM   282 C "C2'" . DG  B 1 2  ? -8.952  0.391   1.836   1.00 13.67 ? 14 DG  B "C2'" 1 
ATOM   283 C "C1'" . DG  B 1 2  ? -8.085  1.630   1.765   1.00 13.15 ? 14 DG  B "C1'" 1 
ATOM   284 N N9    . DG  B 1 2  ? -6.651  1.312   1.898   1.00 11.18 ? 14 DG  B N9    1 
ATOM   285 C C8    . DG  B 1 2  ? -6.126  0.453   2.823   1.00 10.20 ? 14 DG  B C8    1 
ATOM   286 N N7    . DG  B 1 2  ? -4.851  0.319   2.724   1.00 10.69 ? 14 DG  B N7    1 
ATOM   287 C C5    . DG  B 1 2  ? -4.505  1.144   1.675   1.00 7.85  ? 14 DG  B C5    1 
ATOM   288 C C6    . DG  B 1 2  ? -3.238  1.390   1.144   1.00 8.29  ? 14 DG  B C6    1 
ATOM   289 O O6    . DG  B 1 2  ? -2.157  0.909   1.529   1.00 11.38 ? 14 DG  B O6    1 
ATOM   290 N N1    . DG  B 1 2  ? -3.270  2.271   0.073   1.00 7.02  ? 14 DG  B N1    1 
ATOM   291 C C2    . DG  B 1 2  ? -4.406  2.861   -0.390  1.00 7.39  ? 14 DG  B C2    1 
ATOM   292 N N2    . DG  B 1 2  ? -4.257  3.682   -1.438  1.00 7.73  ? 14 DG  B N2    1 
ATOM   293 N N3    . DG  B 1 2  ? -5.604  2.633   0.123   1.00 7.75  ? 14 DG  B N3    1 
ATOM   294 C C4    . DG  B 1 2  ? -5.585  1.755   1.145   1.00 7.88  ? 14 DG  B C4    1 
ATOM   295 P P     . DG  B 1 3  ? -11.488 0.763   -0.365  1.00 14.24 ? 15 DG  B P     1 
ATOM   296 O OP1   . DG  B 1 3  ? -12.912 1.025   -0.164  1.00 16.30 ? 15 DG  B OP1   1 
ATOM   297 O OP2   . DG  B 1 3  ? -10.991 -0.617  -0.438  1.00 14.58 ? 15 DG  B OP2   1 
ATOM   298 O "O5'" . DG  B 1 3  ? -11.028 1.504   -1.679  1.00 14.33 ? 15 DG  B "O5'" 1 
ATOM   299 C "C5'" . DG  B 1 3  ? -9.645  1.557   -1.926  1.00 13.04 ? 15 DG  B "C5'" 1 
ATOM   300 C "C4'" . DG  B 1 3  ? -9.430  2.102   -3.302  1.00 12.41 ? 15 DG  B "C4'" 1 
ATOM   301 O "O4'" . DG  B 1 3  ? -8.022  2.352   -3.440  1.00 12.44 ? 15 DG  B "O4'" 1 
ATOM   302 C "C3'" . DG  B 1 3  ? -9.818  1.143   -4.417  1.00 12.92 ? 15 DG  B "C3'" 1 
ATOM   303 O "O3'" . DG  B 1 3  ? -10.252 1.914   -5.528  1.00 14.03 ? 15 DG  B "O3'" 1 
ATOM   304 C "C2'" . DG  B 1 3  ? -8.503  0.424   -4.679  1.00 11.63 ? 15 DG  B "C2'" 1 
ATOM   305 C "C1'" . DG  B 1 3  ? -7.540  1.598   -4.532  1.00 12.05 ? 15 DG  B "C1'" 1 
ATOM   306 N N9    . DG  B 1 3  ? -6.153  1.279   -4.227  1.00 10.22 ? 15 DG  B N9    1 
ATOM   307 C C8    . DG  B 1 3  ? -5.056  1.755   -4.895  1.00 8.97  ? 15 DG  B C8    1 
ATOM   308 N N7    . DG  B 1 3  ? -3.938  1.329   -4.406  1.00 8.87  ? 15 DG  B N7    1 
ATOM   309 C C5    . DG  B 1 3  ? -4.316  0.537   -3.339  1.00 8.97  ? 15 DG  B C5    1 
ATOM   310 C C6    . DG  B 1 3  ? -3.546  -0.197  -2.431  1.00 8.74  ? 15 DG  B C6    1 
ATOM   311 O O6    . DG  B 1 3  ? -2.325  -0.294  -2.372  1.00 13.15 ? 15 DG  B O6    1 
ATOM   312 N N1    . DG  B 1 3  ? -4.281  -0.887  -1.496  1.00 8.43  ? 15 DG  B N1    1 
ATOM   313 C C2    . DG  B 1 3  ? -5.644  -0.887  -1.431  1.00 8.43  ? 15 DG  B C2    1 
ATOM   314 N N2    . DG  B 1 3  ? -6.183  -1.618  -0.443  1.00 8.57  ? 15 DG  B N2    1 
ATOM   315 N N3    . DG  B 1 3  ? -6.401  -0.200  -2.273  1.00 9.70  ? 15 DG  B N3    1 
ATOM   316 C C4    . DG  B 1 3  ? -5.677  0.491   -3.200  1.00 10.19 ? 15 DG  B C4    1 
ATOM   317 P P     . DG  B 1 4  ? -10.889 1.270   -6.834  1.00 15.15 ? 16 DG  B P     1 
ATOM   318 O OP1   . DG  B 1 4  ? -11.729 2.273   -7.519  1.00 17.00 ? 16 DG  B OP1   1 
ATOM   319 O OP2   . DG  B 1 4  ? -11.436 -0.042  -6.480  1.00 13.88 ? 16 DG  B OP2   1 
ATOM   320 O "O5'" . DG  B 1 4  ? -9.603  1.034   -7.729  1.00 16.37 ? 16 DG  B "O5'" 1 
ATOM   321 C "C5'" . DG  B 1 4  ? -8.986  2.009   -8.572  1.00 15.34 ? 16 DG  B "C5'" 1 
ATOM   322 C "C4'" . DG  B 1 4  ? -7.770  1.321   -9.170  1.00 14.67 ? 16 DG  B "C4'" 1 
ATOM   323 O "O4'" . DG  B 1 4  ? -6.969  0.822   -8.077  1.00 14.10 ? 16 DG  B "O4'" 1 
ATOM   324 C "C3'" . DG  B 1 4  ? -8.081  0.089   -10.036 1.00 15.57 ? 16 DG  B "C3'" 1 
ATOM   325 O "O3'" . DG  B 1 4  ? -7.341  0.173   -11.258 1.00 16.58 ? 16 DG  B "O3'" 1 
ATOM   326 C "C2'" . DG  B 1 4  ? -7.690  -1.098  -9.153  1.00 13.72 ? 16 DG  B "C2'" 1 
ATOM   327 C "C1'" . DG  B 1 4  ? -6.516  -0.462  -8.442  1.00 14.30 ? 16 DG  B "C1'" 1 
ATOM   328 N N9    . DG  B 1 4  ? -5.963  -1.195  -7.303  1.00 13.96 ? 16 DG  B N9    1 
ATOM   329 C C8    . DG  B 1 4  ? -6.634  -1.952  -6.384  1.00 13.22 ? 16 DG  B C8    1 
ATOM   330 N N7    . DG  B 1 4  ? -5.859  -2.468  -5.477  1.00 14.24 ? 16 DG  B N7    1 
ATOM   331 C C5    . DG  B 1 4  ? -4.581  -2.037  -5.814  1.00 14.77 ? 16 DG  B C5    1 
ATOM   332 C C6    . DG  B 1 4  ? -3.314  -2.283  -5.198  1.00 14.38 ? 16 DG  B C6    1 
ATOM   333 O O6    . DG  B 1 4  ? -3.079  -2.972  -4.187  1.00 14.63 ? 16 DG  B O6    1 
ATOM   334 N N1    . DG  B 1 4  ? -2.255  -1.647  -5.862  1.00 12.65 ? 16 DG  B N1    1 
ATOM   335 C C2    . DG  B 1 4  ? -2.426  -0.863  -6.985  1.00 11.94 ? 16 DG  B C2    1 
ATOM   336 N N2    . DG  B 1 4  ? -1.349  -0.305  -7.535  1.00 11.77 ? 16 DG  B N2    1 
ATOM   337 N N3    . DG  B 1 4  ? -3.594  -0.636  -7.560  1.00 12.93 ? 16 DG  B N3    1 
ATOM   338 C C4    . DG  B 1 4  ? -4.630  -1.253  -6.942  1.00 13.63 ? 16 DG  B C4    1 
ATOM   339 P P     . DT  B 1 5  ? -7.325  -0.921  -12.433 1.00 18.36 ? 17 DT  B P     1 
ATOM   340 O OP1   . DT  B 1 5  ? -6.936  -0.230  -13.677 1.00 17.30 ? 17 DT  B OP1   1 
ATOM   341 O OP2   . DT  B 1 5  ? -8.547  -1.730  -12.412 1.00 18.03 ? 17 DT  B OP2   1 
ATOM   342 O "O5'" . DT  B 1 5  ? -6.113  -1.867  -12.010 1.00 15.74 ? 17 DT  B "O5'" 1 
ATOM   343 C "C5'" . DT  B 1 5  ? -4.826  -1.351  -11.797 1.00 12.28 ? 17 DT  B "C5'" 1 
ATOM   344 C "C4'" . DT  B 1 5  ? -3.990  -2.422  -11.153 1.00 11.43 ? 17 DT  B "C4'" 1 
ATOM   345 O "O4'" . DT  B 1 5  ? -4.571  -2.702  -9.870  1.00 11.74 ? 17 DT  B "O4'" 1 
ATOM   346 C "C3'" . DT  B 1 5  ? -4.029  -3.788  -11.813 1.00 12.85 ? 17 DT  B "C3'" 1 
ATOM   347 O "O3'" . DT  B 1 5  ? -2.951  -3.910  -12.716 1.00 14.53 ? 17 DT  B "O3'" 1 
ATOM   348 C "C2'" . DT  B 1 5  ? -3.858  -4.749  -10.639 1.00 12.62 ? 17 DT  B "C2'" 1 
ATOM   349 C "C1'" . DT  B 1 5  ? -3.970  -3.879  -9.399  1.00 11.56 ? 17 DT  B "C1'" 1 
ATOM   350 N N1    . DT  B 1 5  ? -4.816  -4.502  -8.366  1.00 11.45 ? 17 DT  B N1    1 
ATOM   351 C C2    . DT  B 1 5  ? -4.278  -4.932  -7.187  1.00 11.05 ? 17 DT  B C2    1 
ATOM   352 O O2    . DT  B 1 5  ? -3.094  -4.820  -6.900  1.00 12.32 ? 17 DT  B O2    1 
ATOM   353 N N3    . DT  B 1 5  ? -5.189  -5.502  -6.340  1.00 10.09 ? 17 DT  B N3    1 
ATOM   354 C C4    . DT  B 1 5  ? -6.543  -5.679  -6.552  1.00 11.55 ? 17 DT  B C4    1 
ATOM   355 O O4    . DT  B 1 5  ? -7.263  -6.204  -5.722  1.00 11.70 ? 17 DT  B O4    1 
ATOM   356 C C5    . DT  B 1 5  ? -7.038  -5.207  -7.817  1.00 11.40 ? 17 DT  B C5    1 
ATOM   357 C C7    . DT  B 1 5  ? -8.472  -5.318  -8.231  1.00 12.43 ? 17 DT  B C7    1 
ATOM   358 C C6    . DT  B 1 5  ? -6.159  -4.655  -8.637  1.00 12.35 ? 17 DT  B C6    1 
ATOM   359 P P     . DT  B 1 6  ? -2.673  -5.201  -13.610 1.00 15.76 ? 18 DT  B P     1 
ATOM   360 O OP1   . DT  B 1 6  ? -2.011  -4.729  -14.822 1.00 16.98 ? 18 DT  B OP1   1 
ATOM   361 O OP2   . DT  B 1 6  ? -3.889  -6.020  -13.699 1.00 18.15 ? 18 DT  B OP2   1 
ATOM   362 O "O5'" . DT  B 1 6  ? -1.684  -6.082  -12.735 1.00 17.77 ? 18 DT  B "O5'" 1 
ATOM   363 C "C5'" . DT  B 1 6  ? -0.439  -5.633  -12.216 1.00 17.53 ? 18 DT  B "C5'" 1 
ATOM   364 C "C4'" . DT  B 1 6  ? 0.099   -6.681  -11.251 1.00 17.02 ? 18 DT  B "C4'" 1 
ATOM   365 O "O4'" . DT  B 1 6  ? -0.791  -6.840  -10.113 1.00 16.89 ? 18 DT  B "O4'" 1 
ATOM   366 C "C3'" . DT  B 1 6  ? 0.315   -8.092  -11.810 1.00 16.93 ? 18 DT  B "C3'" 1 
ATOM   367 O "O3'" . DT  B 1 6  ? 1.499   -8.705  -11.251 1.00 17.72 ? 18 DT  B "O3'" 1 
ATOM   368 C "C2'" . DT  B 1 6  ? -0.927  -8.829  -11.321 1.00 16.28 ? 18 DT  B "C2'" 1 
ATOM   369 C "C1'" . DT  B 1 6  ? -1.049  -8.208  -9.929  1.00 16.71 ? 18 DT  B "C1'" 1 
ATOM   370 N N1    . DT  B 1 6  ? -2.373  -8.370  -9.291  1.00 15.78 ? 18 DT  B N1    1 
ATOM   371 C C2    . DT  B 1 6  ? -2.426  -8.749  -7.971  1.00 17.50 ? 18 DT  B C2    1 
ATOM   372 O O2    . DT  B 1 6  ? -1.456  -8.948  -7.252  1.00 19.15 ? 18 DT  B O2    1 
ATOM   373 N N3    . DT  B 1 6  ? -3.692  -8.885  -7.478  1.00 17.20 ? 18 DT  B N3    1 
ATOM   374 C C4    . DT  B 1 6  ? -4.868  -8.690  -8.149  1.00 17.13 ? 18 DT  B C4    1 
ATOM   375 O O4    . DT  B 1 6  ? -5.912  -8.857  -7.544  1.00 20.23 ? 18 DT  B O4    1 
ATOM   376 C C5    . DT  B 1 6  ? -4.757  -8.307  -9.542  1.00 16.56 ? 18 DT  B C5    1 
ATOM   377 C C7    . DT  B 1 6  ? -5.960  -8.061  -10.414 1.00 15.83 ? 18 DT  B C7    1 
ATOM   378 C C6    . DT  B 1 6  ? -3.517  -8.178  -10.031 1.00 16.10 ? 18 DT  B C6    1 
ATOM   379 P P     . DT  B 1 7  ? 2.989   -8.198  -11.500 1.00 17.14 ? 19 DT  B P     1 
ATOM   380 O OP1   . DT  B 1 7  ? 3.017   -7.179  -12.571 1.00 16.55 ? 19 DT  B OP1   1 
ATOM   381 O OP2   . DT  B 1 7  ? 3.773   -9.414  -11.685 1.00 19.03 ? 19 DT  B OP2   1 
ATOM   382 O "O5'" . DT  B 1 7  ? 3.371   -7.547  -10.097 1.00 15.10 ? 19 DT  B "O5'" 1 
ATOM   383 C "C5'" . DT  B 1 7  ? 4.624   -7.774  -9.509  1.00 15.83 ? 19 DT  B "C5'" 1 
ATOM   384 C "C4'" . DT  B 1 7  ? 4.540   -7.662  -7.997  1.00 15.21 ? 19 DT  B "C4'" 1 
ATOM   385 O "O4'" . DT  B 1 7  ? 3.930   -6.409  -7.623  1.00 16.42 ? 19 DT  B "O4'" 1 
ATOM   386 C "C3'" . DT  B 1 7  ? 3.663   -8.672  -7.282  1.00 15.12 ? 19 DT  B "C3'" 1 
ATOM   387 O "O3'" . DT  B 1 7  ? 4.110   -8.754  -5.952  1.00 15.19 ? 19 DT  B "O3'" 1 
ATOM   388 C "C2'" . DT  B 1 7  ? 2.284   -8.037  -7.338  1.00 14.26 ? 19 DT  B "C2'" 1 
ATOM   389 C "C1'" . DT  B 1 7  ? 2.607   -6.572  -7.141  1.00 12.62 ? 19 DT  B "C1'" 1 
ATOM   390 N N1    . DT  B 1 7  ? 1.710   -5.591  -7.860  1.00 11.52 ? 19 DT  B N1    1 
ATOM   391 C C2    . DT  B 1 7  ? 0.428   -5.418  -7.426  1.00 10.78 ? 19 DT  B C2    1 
ATOM   392 O O2    . DT  B 1 7  ? -0.033  -6.038  -6.488  1.00 13.69 ? 19 DT  B O2    1 
ATOM   393 N N3    . DT  B 1 7  ? -0.319  -4.501  -8.096  1.00 8.79  ? 19 DT  B N3    1 
ATOM   394 C C4    . DT  B 1 7  ? 0.070   -3.745  -9.170  1.00 11.20 ? 19 DT  B C4    1 
ATOM   395 O O4    . DT  B 1 7  ? -0.706  -2.950  -9.698  1.00 12.35 ? 19 DT  B O4    1 
ATOM   396 C C5    . DT  B 1 7  ? 1.440   -3.939  -9.597  1.00 10.67 ? 19 DT  B C5    1 
ATOM   397 C C7    . DT  B 1 7  ? 2.020   -3.164  -10.749 1.00 10.13 ? 19 DT  B C7    1 
ATOM   398 C C6    . DT  B 1 7  ? 2.176   -4.834  -8.923  1.00 11.08 ? 19 DT  B C6    1 
ATOM   399 P P     . DT  B 1 8  ? 4.421   -10.179 -5.330  1.00 16.28 ? 20 DT  B P     1 
ATOM   400 O OP1   . DT  B 1 8  ? 5.457   -10.009 -4.313  1.00 19.23 ? 20 DT  B OP1   1 
ATOM   401 O OP2   . DT  B 1 8  ? 4.607   -11.175 -6.406  1.00 15.82 ? 20 DT  B OP2   1 
ATOM   402 O "O5'" . DT  B 1 8  ? 3.077   -10.500 -4.552  1.00 16.44 ? 20 DT  B "O5'" 1 
ATOM   403 C "C5'" . DT  B 1 8  ? 2.523   -9.603  -3.600  1.00 13.63 ? 20 DT  B "C5'" 1 
ATOM   404 C "C4'" . DT  B 1 8  ? 1.208   -10.163 -3.110  1.00 12.16 ? 20 DT  B "C4'" 1 
ATOM   405 O "O4'" . DT  B 1 8  ? 0.352   -10.123 -4.249  1.00 11.23 ? 20 DT  B "O4'" 1 
ATOM   406 C "C3'" . DT  B 1 8  ? 1.214   -11.626 -2.632  1.00 13.07 ? 20 DT  B "C3'" 1 
ATOM   407 O "O3'" . DT  B 1 8  ? 0.255   -11.854 -1.616  1.00 12.99 ? 20 DT  B "O3'" 1 
ATOM   408 C "C2'" . DT  B 1 8  ? 0.831   -12.389 -3.889  1.00 11.87 ? 20 DT  B "C2'" 1 
ATOM   409 C "C1'" . DT  B 1 8  ? -0.137  -11.409 -4.532  1.00 11.43 ? 20 DT  B "C1'" 1 
ATOM   410 N N1    . DT  B 1 8  ? -0.304  -11.547 -5.994  1.00 12.22 ? 20 DT  B N1    1 
ATOM   411 C C2    . DT  B 1 8  ? -1.563  -11.796 -6.470  1.00 12.79 ? 20 DT  B C2    1 
ATOM   412 O O2    . DT  B 1 8  ? -2.523  -11.894 -5.737  1.00 13.77 ? 20 DT  B O2    1 
ATOM   413 N N3    . DT  B 1 8  ? -1.655  -11.900 -7.835  1.00 13.09 ? 20 DT  B N3    1 
ATOM   414 C C4    . DT  B 1 8  ? -0.624  -11.798 -8.752  1.00 12.95 ? 20 DT  B C4    1 
ATOM   415 O O4    . DT  B 1 8  ? -0.811  -11.921 -9.952  1.00 13.70 ? 20 DT  B O4    1 
ATOM   416 C C5    . DT  B 1 8  ? 0.677   -11.534 -8.190  1.00 12.61 ? 20 DT  B C5    1 
ATOM   417 C C7    . DT  B 1 8  ? 1.881   -11.405 -9.066  1.00 12.33 ? 20 DT  B C7    1 
ATOM   418 C C6    . DT  B 1 8  ? 0.772   -11.419 -6.855  1.00 13.17 ? 20 DT  B C6    1 
ATOM   419 P P     . DG  B 1 9  ? 0.511   -12.925 -0.477  1.00 16.77 ? 21 DG  B P     1 
ATOM   420 O OP1   . DG  B 1 9  ? 0.768   -14.214 -1.164  1.00 16.05 ? 21 DG  B OP1   1 
ATOM   421 O OP2   . DG  B 1 9  ? -0.506  -12.838 0.587   1.00 16.35 ? 21 DG  B OP2   1 
ATOM   422 O "O5'" . DG  B 1 9  ? 1.869   -12.414 0.146   1.00 14.85 ? 21 DG  B "O5'" 1 
ATOM   423 C "C5'" . DG  B 1 9  ? 2.002   -11.570 1.250   1.00 16.24 ? 21 DG  B "C5'" 1 
ATOM   424 C "C4'" . DG  B 1 9  ? 3.470   -11.146 1.241   1.00 16.49 ? 21 DG  B "C4'" 1 
ATOM   425 O "O4'" . DG  B 1 9  ? 3.732   -10.382 0.033   1.00 17.06 ? 21 DG  B "O4'" 1 
ATOM   426 C "C3'" . DG  B 1 9  ? 3.935   -10.267 2.376   1.00 16.83 ? 21 DG  B "C3'" 1 
ATOM   427 O "O3'" . DG  B 1 9  ? 5.310   -10.505 2.603   1.00 19.61 ? 21 DG  B "O3'" 1 
ATOM   428 C "C2'" . DG  B 1 9  ? 3.703   -8.869  1.826   1.00 15.57 ? 21 DG  B "C2'" 1 
ATOM   429 C "C1'" . DG  B 1 9  ? 4.053   -9.056  0.362   1.00 14.01 ? 21 DG  B "C1'" 1 
ATOM   430 N N9    . DG  B 1 9  ? 3.372   -8.089  -0.491  1.00 12.59 ? 21 DG  B N9    1 
ATOM   431 C C8    . DG  B 1 9  ? 4.013   -7.317  -1.421  1.00 10.41 ? 21 DG  B C8    1 
ATOM   432 N N7    . DG  B 1 9  ? 3.222   -6.515  -2.050  1.00 10.40 ? 21 DG  B N7    1 
ATOM   433 C C5    . DG  B 1 9  ? 1.978   -6.753  -1.479  1.00 10.17 ? 21 DG  B C5    1 
ATOM   434 C C6    . DG  B 1 9  ? 0.744   -6.146  -1.757  1.00 10.08 ? 21 DG  B C6    1 
ATOM   435 O O6    . DG  B 1 9  ? 0.536   -5.261  -2.600  1.00 13.83 ? 21 DG  B O6    1 
ATOM   436 N N1    . DG  B 1 9  ? -0.308  -6.642  -1.005  1.00 9.41  ? 21 DG  B N1    1 
ATOM   437 C C2    . DG  B 1 9  ? -0.168  -7.632  -0.052  1.00 11.01 ? 21 DG  B C2    1 
ATOM   438 N N2    . DG  B 1 9  ? -1.281  -8.022  0.609   1.00 8.77  ? 21 DG  B N2    1 
ATOM   439 N N3    . DG  B 1 9  ? 1.001   -8.205  0.222   1.00 11.16 ? 21 DG  B N3    1 
ATOM   440 C C4    . DG  B 1 9  ? 2.034   -7.722  -0.523  1.00 10.90 ? 21 DG  B C4    1 
ATOM   441 P P     . DG  B 1 10 ? 6.038   -9.847  3.867   1.00 20.42 ? 22 DG  B P     1 
ATOM   442 O OP1   . DG  B 1 10 ? 7.068   -10.820 4.248   1.00 23.04 ? 22 DG  B OP1   1 
ATOM   443 O OP2   . DG  B 1 10 ? 5.037   -9.419  4.845   1.00 19.76 ? 22 DG  B OP2   1 
ATOM   444 O "O5'" . DG  B 1 10 ? 6.707   -8.493  3.313   1.00 20.24 ? 22 DG  B "O5'" 1 
ATOM   445 C "C5'" . DG  B 1 10 ? 7.422   -8.455  2.084   1.00 20.11 ? 22 DG  B "C5'" 1 
ATOM   446 C "C4'" . DG  B 1 10 ? 7.600   -7.080  1.423   1.00 19.49 ? 22 DG  B "C4'" 1 
ATOM   447 O "O4'" . DG  B 1 10 ? 6.373   -6.592  0.803   1.00 19.42 ? 22 DG  B "O4'" 1 
ATOM   448 C "C3'" . DG  B 1 10 ? 8.149   -5.896  2.223   1.00 18.94 ? 22 DG  B "C3'" 1 
ATOM   449 O "O3'" . DG  B 1 10 ? 9.089   -5.203  1.364   1.00 19.47 ? 22 DG  B "O3'" 1 
ATOM   450 C "C2'" . DG  B 1 10 ? 6.899   -5.053  2.436   1.00 17.87 ? 22 DG  B "C2'" 1 
ATOM   451 C "C1'" . DG  B 1 10 ? 6.274   -5.214  1.059   1.00 17.09 ? 22 DG  B "C1'" 1 
ATOM   452 N N9    . DG  B 1 10 ? 4.881   -4.832  0.991   1.00 15.13 ? 22 DG  B N9    1 
ATOM   453 C C8    . DG  B 1 10 ? 3.867   -5.266  1.813   1.00 14.35 ? 22 DG  B C8    1 
ATOM   454 N N7    . DG  B 1 10 ? 2.713   -4.742  1.520   1.00 13.87 ? 22 DG  B N7    1 
ATOM   455 C C5    . DG  B 1 10 ? 2.999   -3.926  0.447   1.00 13.13 ? 22 DG  B C5    1 
ATOM   456 C C6    . DG  B 1 10 ? 2.149   -3.112  -0.297  1.00 14.74 ? 22 DG  B C6    1 
ATOM   457 O O6    . DG  B 1 10 ? 0.930   -2.958  -0.138  1.00 18.89 ? 22 DG  B O6    1 
ATOM   458 N N1    . DG  B 1 10 ? 2.794   -2.435  -1.324  1.00 12.98 ? 22 DG  B N1    1 
ATOM   459 C C2    . DG  B 1 10 ? 4.120   -2.532  -1.596  1.00 12.08 ? 22 DG  B C2    1 
ATOM   460 N N2    . DG  B 1 10 ? 4.552   -1.797  -2.633  1.00 12.81 ? 22 DG  B N2    1 
ATOM   461 N N3    . DG  B 1 10 ? 4.942   -3.298  -0.894  1.00 12.39 ? 22 DG  B N3    1 
ATOM   462 C C4    . DG  B 1 10 ? 4.319   -3.961  0.102   1.00 13.48 ? 22 DG  B C4    1 
ATOM   463 P P     . DG  B 1 11 ? 10.110  -4.085  1.869   1.00 18.97 ? 23 DG  B P     1 
ATOM   464 O OP1   . DG  B 1 11 ? 11.148  -4.039  0.820   1.00 20.67 ? 23 DG  B OP1   1 
ATOM   465 O OP2   . DG  B 1 11 ? 10.403  -4.297  3.293   1.00 17.34 ? 23 DG  B OP2   1 
ATOM   466 O "O5'" . DG  B 1 11 ? 9.274   -2.731  1.810   1.00 17.95 ? 23 DG  B "O5'" 1 
ATOM   467 C "C5'" . DG  B 1 11 ? 8.525   -2.439  0.644   1.00 15.73 ? 23 DG  B "C5'" 1 
ATOM   468 C "C4'" . DG  B 1 11 ? 9.204   -1.364  -0.170  1.00 13.80 ? 23 DG  B "C4'" 1 
ATOM   469 O "O4'" . DG  B 1 11 ? 8.231   -0.730  -1.026  1.00 13.40 ? 23 DG  B "O4'" 1 
ATOM   470 C "C3'" . DG  B 1 11 ? 9.786   -0.219  0.640   1.00 14.00 ? 23 DG  B "C3'" 1 
ATOM   471 O "O3'" . DG  B 1 11 ? 10.818  0.330   -0.152  1.00 13.83 ? 23 DG  B "O3'" 1 
ATOM   472 C "C2'" . DG  B 1 11 ? 8.589   0.724   0.790   1.00 11.69 ? 23 DG  B "C2'" 1 
ATOM   473 C "C1'" . DG  B 1 11 ? 8.042   0.612   -0.623  1.00 11.49 ? 23 DG  B "C1'" 1 
ATOM   474 N N9    . DG  B 1 11 ? 6.642   0.922   -0.763  1.00 9.82  ? 23 DG  B N9    1 
ATOM   475 C C8    . DG  B 1 11 ? 6.093   1.747   -1.707  1.00 9.38  ? 23 DG  B C8    1 
ATOM   476 N N7    . DG  B 1 11 ? 4.810   1.876   -1.584  1.00 10.45 ? 23 DG  B N7    1 
ATOM   477 C C5    . DG  B 1 11 ? 4.497   1.063   -0.496  1.00 10.22 ? 23 DG  B C5    1 
ATOM   478 C C6    . DG  B 1 11 ? 3.270   0.756   0.114   1.00 8.80  ? 23 DG  B C6    1 
ATOM   479 O O6    . DG  B 1 11 ? 2.191   1.188   -0.222  1.00 12.38 ? 23 DG  B O6    1 
ATOM   480 N N1    . DG  B 1 11 ? 3.322   -0.110  1.193   1.00 8.99  ? 23 DG  B N1    1 
ATOM   481 C C2    . DG  B 1 11 ? 4.508   -0.636  1.648   1.00 9.29  ? 23 DG  B C2    1 
ATOM   482 N N2    . DG  B 1 11 ? 4.506   -1.454  2.705   1.00 7.99  ? 23 DG  B N2    1 
ATOM   483 N N3    . DG  B 1 11 ? 5.667   -0.369  1.079   1.00 10.97 ? 23 DG  B N3    1 
ATOM   484 C C4    . DG  B 1 11 ? 5.607   0.475   0.017   1.00 10.10 ? 23 DG  B C4    1 
ATOM   485 P P     . DG  B 1 12 ? 11.816  1.427   0.408   1.00 14.51 ? 24 DG  B P     1 
ATOM   486 O OP1   . DG  B 1 12 ? 13.042  1.258   -0.376  1.00 14.28 ? 24 DG  B OP1   1 
ATOM   487 O OP2   . DG  B 1 12 ? 11.852  1.358   1.882   1.00 13.61 ? 24 DG  B OP2   1 
ATOM   488 O "O5'" . DG  B 1 12 ? 11.099  2.790   0.022   1.00 13.87 ? 24 DG  B "O5'" 1 
ATOM   489 C "C5'" . DG  B 1 12 ? 10.820  3.162   -1.318  1.00 12.90 ? 24 DG  B "C5'" 1 
ATOM   490 C "C4'" . DG  B 1 12 ? 9.932   4.399   -1.323  1.00 12.29 ? 24 DG  B "C4'" 1 
ATOM   491 O "O4'" . DG  B 1 12 ? 8.576   4.065   -0.932  1.00 12.68 ? 24 DG  B "O4'" 1 
ATOM   492 C "C3'" . DG  B 1 12 ? 10.333  5.521   -0.385  1.00 10.40 ? 24 DG  B "C3'" 1 
ATOM   493 O "O3'" . DG  B 1 12 ? 10.066  6.735   -1.012  1.00 10.46 ? 24 DG  B "O3'" 1 
ATOM   494 C "C2'" . DG  B 1 12 ? 9.394   5.323   0.791   1.00 11.20 ? 24 DG  B "C2'" 1 
ATOM   495 C "C1'" . DG  B 1 12 ? 8.134   5.013   0.013   1.00 11.25 ? 24 DG  B "C1'" 1 
ATOM   496 N N9    . DG  B 1 12 ? 7.026   4.446   0.790   1.00 11.30 ? 24 DG  B N9    1 
ATOM   497 C C8    . DG  B 1 12 ? 7.085   3.520   1.818   1.00 10.77 ? 24 DG  B C8    1 
ATOM   498 N N7    . DG  B 1 12 ? 5.930   3.195   2.309   1.00 9.85  ? 24 DG  B N7    1 
ATOM   499 C C5    . DG  B 1 12 ? 5.041   3.960   1.540   1.00 10.72 ? 24 DG  B C5    1 
ATOM   500 C C6    . DG  B 1 12 ? 3.627   4.064   1.599   1.00 10.22 ? 24 DG  B C6    1 
ATOM   501 O O6    . DG  B 1 12 ? 2.851   3.462   2.364   1.00 10.51 ? 24 DG  B O6    1 
ATOM   502 N N1    . DG  B 1 12 ? 3.113   4.952   0.649   1.00 9.42  ? 24 DG  B N1    1 
ATOM   503 C C2    . DG  B 1 12 ? 3.852   5.675   -0.243  1.00 9.25  ? 24 DG  B C2    1 
ATOM   504 N N2    . DG  B 1 12 ? 3.184   6.485   -1.070  1.00 9.22  ? 24 DG  B N2    1 
ATOM   505 N N3    . DG  B 1 12 ? 5.170   5.599   -0.301  1.00 10.23 ? 24 DG  B N3    1 
ATOM   506 C C4    . DG  B 1 12 ? 5.694   4.731   0.608   1.00 10.13 ? 24 DG  B C4    1 
HETATM 507 K K     . K   C 2 .  ? -1.000  -2.947  -2.296  1.00 25.54 ? 26 K   A K     1 
HETATM 508 K K     . K   D 2 .  ? -0.327  -0.231  -0.342  1.00 22.26 ? 27 K   A K     1 
HETATM 509 K K     . K   E 2 .  ? 0.413   2.475   1.924   1.00 19.48 ? 28 K   A K     1 
HETATM 510 O O39   . NCL F 3 .  ? 4.672   7.598   2.578   1.00 16.20 ? 29 NCL A O39   1 
HETATM 511 C C9    . NCL F 3 .  ? 5.872   7.481   2.464   1.00 14.78 ? 29 NCL A C9    1 
HETATM 512 C C10   . NCL F 3 .  ? 6.659   8.300   1.458   1.00 14.30 ? 29 NCL A C10   1 
HETATM 513 C C13   . NCL F 3 .  ? 5.784   9.276   0.686   1.00 16.34 ? 29 NCL A C13   1 
HETATM 514 N N16   . NCL F 3 .  ? 6.524   9.938   -0.401  1.00 18.42 ? 29 NCL A N16   1 
HETATM 515 C C18   . NCL F 3 .  ? 7.181   9.062   -1.380  1.00 19.85 ? 29 NCL A C18   1 
HETATM 516 C C27   . NCL F 3 .  ? 8.053   9.853   -2.355  1.00 19.02 ? 29 NCL A C27   1 
HETATM 517 C C20   . NCL F 3 .  ? 9.458   10.104  -1.843  1.00 21.04 ? 29 NCL A C20   1 
HETATM 518 C C30   . NCL F 3 .  ? 7.346   11.072  -2.923  1.00 17.98 ? 29 NCL A C30   1 
HETATM 519 C C33   . NCL F 3 .  ? 6.720   11.933  -1.843  1.00 18.28 ? 29 NCL A C33   1 
HETATM 520 C C36   . NCL F 3 .  ? 5.842   11.149  -0.881  1.00 18.52 ? 29 NCL A C36   1 
HETATM 521 N N7    . NCL F 3 .  ? 6.553   6.591   3.183   1.00 14.29 ? 29 NCL A N7    1 
HETATM 522 C C6    . NCL F 3 .  ? 6.056   5.787   4.165   1.00 13.35 ? 29 NCL A C6    1 
HETATM 523 C C4    . NCL F 3 .  ? 4.717   5.755   4.561   1.00 12.67 ? 29 NCL A C4    1 
HETATM 524 C C3    . NCL F 3 .  ? 4.317   4.935   5.621   1.00 13.11 ? 29 NCL A C3    1 
HETATM 525 N N1    . NCL F 3 .  ? 3.013   4.872   6.021   1.00 14.33 ? 29 NCL A N1    1 
HETATM 526 C C40   . NCL F 3 .  ? 6.982   5.013   4.842   1.00 13.07 ? 29 NCL A C40   1 
HETATM 527 C C42   . NCL F 3 .  ? 6.598   4.193   5.884   1.00 13.53 ? 29 NCL A C42   1 
HETATM 528 C C44   . NCL F 3 .  ? 5.270   4.156   6.274   1.00 13.50 ? 29 NCL A C44   1 
HETATM 529 C C45   . NCL F 3 .  ? 4.908   3.327   7.328   1.00 14.21 ? 29 NCL A C45   1 
HETATM 530 C C2    . NCL F 3 .  ? 3.582   3.284   7.738   1.00 13.89 ? 29 NCL A C2    1 
HETATM 531 C C47   . NCL F 3 .  ? 3.217   2.450   8.793   1.00 13.03 ? 29 NCL A C47   1 
HETATM 532 C C49   . NCL F 3 .  ? 1.883   2.408   9.190   1.00 13.26 ? 29 NCL A C49   1 
HETATM 533 C C87   . NCL F 3 .  ? 2.630   4.072   7.064   1.00 14.58 ? 29 NCL A C87   1 
HETATM 534 C C85   . NCL F 3 .  ? 1.296   4.019   7.474   1.00 13.52 ? 29 NCL A C85   1 
HETATM 535 C C51   . NCL F 3 .  ? 0.912   3.171   8.526   1.00 13.65 ? 29 NCL A C51   1 
HETATM 536 N N52   . NCL F 3 .  ? -0.362  3.139   9.018   1.00 14.26 ? 29 NCL A N52   1 
HETATM 537 C C54   . NCL F 3 .  ? -1.500  3.618   8.504   1.00 16.47 ? 29 NCL A C54   1 
HETATM 538 O O84   . NCL F 3 .  ? -1.608  4.083   7.387   1.00 16.82 ? 29 NCL A O84   1 
HETATM 539 C C55   . NCL F 3 .  ? -2.711  3.502   9.404   1.00 18.38 ? 29 NCL A C55   1 
HETATM 540 C C58   . NCL F 3 .  ? -3.967  3.992   8.688   1.00 20.21 ? 29 NCL A C58   1 
HETATM 541 N N61   . NCL F 3 .  ? -4.593  5.151   9.315   1.00 21.98 ? 29 NCL A N61   1 
HETATM 542 C C63   . NCL F 3 .  ? -5.185  4.937   10.637  1.00 23.86 ? 29 NCL A C63   1 
HETATM 543 C C66   . NCL F 3 .  ? -5.453  6.312   11.237  1.00 25.52 ? 29 NCL A C66   1 
HETATM 544 C C77   . NCL F 3 .  ? -6.071  6.246   12.625  1.00 26.43 ? 29 NCL A C77   1 
HETATM 545 C C69   . NCL F 3 .  ? -6.343  7.117   10.293  1.00 26.62 ? 29 NCL A C69   1 
HETATM 546 C C72   . NCL F 3 .  ? -5.607  7.330   8.979   1.00 24.98 ? 29 NCL A C72   1 
HETATM 547 C C75   . NCL F 3 .  ? -5.334  5.969   8.359   1.00 22.11 ? 29 NCL A C75   1 
HETATM 548 K K     . K   G 2 .  ? -1.700  -5.713  -4.546  1.00 23.04 ? 25 K   B K     1 
HETATM 549 O O     . HOH H 4 .  ? 1.780   12.645  -1.281  1.00 28.86 ? 30 HOH A O     1 
HETATM 550 O O     . HOH H 4 .  ? -9.700  -3.267  -3.749  1.00 26.31 ? 31 HOH A O     1 
HETATM 551 O O     . HOH H 4 .  ? -1.743  6.355   14.212  1.00 38.67 ? 32 HOH A O     1 
HETATM 552 O O     . HOH H 4 .  ? 8.201   0.087   -13.176 1.00 21.48 ? 33 HOH A O     1 
HETATM 553 O O     . HOH H 4 .  ? -0.227  -9.868  4.865   1.00 29.74 ? 34 HOH A O     1 
HETATM 554 O O     . HOH H 4 .  ? 7.168   -5.999  -3.441  1.00 31.65 ? 35 HOH A O     1 
HETATM 555 O O     . HOH H 4 .  ? 9.292   7.378   3.582   1.00 23.12 ? 36 HOH A O     1 
HETATM 556 O O     . HOH H 4 .  ? -0.284  11.495  6.019   1.00 19.79 ? 37 HOH A O     1 
HETATM 557 O O     . HOH H 4 .  ? -5.209  -2.425  6.564   1.00 17.32 ? 38 HOH A O     1 
HETATM 558 O O     . HOH H 4 .  ? -3.640  10.968  8.201   1.00 20.07 ? 39 HOH A O     1 
HETATM 559 O O     . HOH H 4 .  ? -4.330  -10.609 2.564   1.00 10.47 ? 40 HOH A O     1 
HETATM 560 O O     . HOH H 4 .  ? 9.238   -3.436  -5.050  1.00 28.76 ? 41 HOH A O     1 
HETATM 561 O O     . HOH H 4 .  ? -7.933  5.597   -6.804  1.00 28.88 ? 42 HOH A O     1 
HETATM 562 O O     . HOH H 4 .  ? 9.600   5.045   -7.768  1.00 21.13 ? 43 HOH A O     1 
HETATM 563 O O     . HOH H 4 .  ? 7.359   0.752   -5.269  1.00 18.37 ? 44 HOH A O     1 
HETATM 564 O O     . HOH H 4 .  ? 5.619   5.966   -3.953  1.00 26.23 ? 45 HOH A O     1 
HETATM 565 O O     . HOH H 4 .  ? 9.175   7.438   6.263   1.00 17.89 ? 46 HOH A O     1 
HETATM 566 O O     . HOH H 4 .  ? -2.565  13.722  3.827   1.00 22.99 ? 47 HOH A O     1 
HETATM 567 O O     . HOH H 4 .  ? 0.746   -7.776  4.371   1.00 32.79 ? 48 HOH A O     1 
HETATM 568 O O     . HOH H 4 .  ? 1.287   13.384  5.049   1.00 29.45 ? 49 HOH A O     1 
HETATM 569 O O     . HOH H 4 .  ? -0.131  -0.079  11.474  1.00 24.81 ? 50 HOH A O     1 
HETATM 570 O O     . HOH H 4 .  ? -1.388  -1.114  9.783   1.00 33.07 ? 51 HOH A O     1 
HETATM 571 O O     . HOH H 4 .  ? 0.677   -4.131  12.389  1.00 36.96 ? 52 HOH A O     1 
HETATM 572 O O     . HOH H 4 .  ? 5.412   -3.455  13.743  1.00 34.61 ? 53 HOH A O     1 
HETATM 573 O O     . HOH H 4 .  ? -2.817  -2.779  8.832   1.00 20.91 ? 54 HOH A O     1 
HETATM 574 O O     . HOH H 4 .  ? -1.375  4.730   12.155  1.00 41.74 ? 55 HOH A O     1 
HETATM 575 O O     . HOH H 4 .  ? -0.460  2.404   11.574  1.00 53.77 ? 56 HOH A O     1 
HETATM 576 O O     . HOH H 4 .  ? -7.642  4.337   -0.112  1.00 23.85 ? 57 HOH A O     1 
HETATM 577 O O     . HOH H 4 .  ? 3.535   -7.213  4.749   1.00 13.74 ? 58 HOH A O     1 
HETATM 578 O O     . HOH H 4 .  ? 5.844   10.706  9.730   1.00 17.72 ? 59 HOH A O     1 
HETATM 579 O O     . HOH I 4 .  ? 7.712   -1.311  -4.006  1.00 11.27 ? 26 HOH B O     1 
HETATM 580 O O     . HOH I 4 .  ? -2.096  -13.630 -13.878 1.00 34.18 ? 28 HOH B O     1 
HETATM 581 O O     . HOH I 4 .  ? 10.381  3.158   3.640   1.00 12.69 ? 29 HOH B O     1 
HETATM 582 O O     . HOH I 4 .  ? -1.309  -10.379 2.484   1.00 26.14 ? 30 HOH B O     1 
HETATM 583 O O     . HOH I 4 .  ? -7.601  -2.209  5.004   1.00 24.47 ? 31 HOH B O     1 
HETATM 584 O O     . HOH I 4 .  ? 11.118  8.305   0.710   1.00 26.16 ? 32 HOH B O     1 
HETATM 585 O O     . HOH I 4 .  ? -1.446  -14.165 2.715   1.00 23.18 ? 33 HOH B O     1 
HETATM 586 O O     . HOH I 4 .  ? -4.160  1.994   -9.014  1.00 31.96 ? 34 HOH B O     1 
HETATM 587 O O     . HOH I 4 .  ? -0.060  -7.162  -16.358 1.00 26.60 ? 36 HOH B O     1 
HETATM 588 O O     . HOH I 4 .  ? 6.699   -2.652  4.883   1.00 17.74 ? 37 HOH B O     1 
HETATM 589 O O     . HOH I 4 .  ? 3.304   0.475   -11.139 1.00 35.33 ? 38 HOH B O     1 
HETATM 590 O O     . HOH I 4 .  ? -0.786  0.097   -10.748 1.00 35.44 ? 39 HOH B O     1 
HETATM 591 O O     . HOH I 4 .  ? 0.872   2.567   -9.829  1.00 27.26 ? 40 HOH B O     1 
HETATM 592 O O     . HOH I 4 .  ? -1.899  -8.199  -4.207  1.00 18.40 ? 42 HOH B O     1 
HETATM 593 O O     . HOH I 4 .  ? -10.192 -2.529  -6.021  1.00 17.49 ? 43 HOH B O     1 
HETATM 594 O O     . HOH I 4 .  ? -9.419  -2.287  -15.038 1.00 27.74 ? 44 HOH B O     1 
HETATM 595 O O     . HOH I 4 .  ? 7.209   4.057   -3.575  1.00 27.77 ? 45 HOH B O     1 
HETATM 596 O O     . HOH I 4 .  ? 12.094  5.171   3.699   1.00 22.52 ? 46 HOH B O     1 
HETATM 597 O O     . HOH I 4 .  ? -10.050 -7.152  -3.927  1.00 20.60 ? 47 HOH B O     1 
HETATM 598 O O     . HOH I 4 .  ? 6.655   -6.687  -13.861 1.00 26.12 ? 49 HOH B O     1 
HETATM 599 O O     . HOH I 4 .  ? -4.042  -3.946  -17.353 1.00 22.82 ? 54 HOH B O     1 
# 
loop_
_pdbx_poly_seq_scheme.asym_id 
_pdbx_poly_seq_scheme.entity_id 
_pdbx_poly_seq_scheme.seq_id 
_pdbx_poly_seq_scheme.mon_id 
_pdbx_poly_seq_scheme.ndb_seq_num 
_pdbx_poly_seq_scheme.pdb_seq_num 
_pdbx_poly_seq_scheme.auth_seq_num 
_pdbx_poly_seq_scheme.pdb_mon_id 
_pdbx_poly_seq_scheme.auth_mon_id 
_pdbx_poly_seq_scheme.pdb_strand_id 
_pdbx_poly_seq_scheme.pdb_ins_code 
_pdbx_poly_seq_scheme.hetero 
A 1 1  DG 1  1  1  DG G A . n 
A 1 2  DG 2  2  2  DG G A . n 
A 1 3  DG 3  3  3  DG G A . n 
A 1 4  DG 4  4  4  DG G A . n 
A 1 5  DT 5  5  5  DT T A . n 
A 1 6  DT 6  6  6  DT T A . n 
A 1 7  DT 7  7  7  DT T A . n 
A 1 8  DT 8  8  8  DT T A . n 
A 1 9  DG 9  9  9  DG G A . n 
A 1 10 DG 10 10 10 DG G A . n 
A 1 11 DG 11 11 11 DG G A . n 
A 1 12 DG 12 12 12 DG G A . n 
B 1 1  DG 1  13 13 DG G B . n 
B 1 2  DG 2  14 14 DG G B . n 
B 1 3  DG 3  15 15 DG G B . n 
B 1 4  DG 4  16 16 DG G B . n 
B 1 5  DT 5  17 17 DT T B . n 
B 1 6  DT 6  18 18 DT T B . n 
B 1 7  DT 7  19 19 DT T B . n 
B 1 8  DT 8  20 20 DT T B . n 
B 1 9  DG 9  21 21 DG G B . n 
B 1 10 DG 10 22 22 DG G B . n 
B 1 11 DG 11 23 23 DG G B . n 
B 1 12 DG 12 24 24 DG G B . n 
# 
loop_
_pdbx_nonpoly_scheme.asym_id 
_pdbx_nonpoly_scheme.entity_id 
_pdbx_nonpoly_scheme.mon_id 
_pdbx_nonpoly_scheme.ndb_seq_num 
_pdbx_nonpoly_scheme.pdb_seq_num 
_pdbx_nonpoly_scheme.auth_seq_num 
_pdbx_nonpoly_scheme.pdb_mon_id 
_pdbx_nonpoly_scheme.auth_mon_id 
_pdbx_nonpoly_scheme.pdb_strand_id 
_pdbx_nonpoly_scheme.pdb_ins_code 
C 2 K   1  26 26 K   K   A . 
D 2 K   1  27 27 K   K   A . 
E 2 K   1  28 28 K   K   A . 
F 3 NCL 1  29 29 NCL NCL A . 
G 2 K   1  25 25 K   K   B . 
H 4 HOH 1  30 1  HOH HOH A . 
H 4 HOH 2  31 3  HOH HOH A . 
H 4 HOH 3  32 5  HOH HOH A . 
H 4 HOH 4  33 6  HOH HOH A . 
H 4 HOH 5  34 8  HOH HOH A . 
H 4 HOH 6  35 9  HOH HOH A . 
H 4 HOH 7  36 10 HOH HOH A . 
H 4 HOH 8  37 13 HOH HOH A . 
H 4 HOH 9  38 14 HOH HOH A . 
H 4 HOH 10 39 16 HOH HOH A . 
H 4 HOH 11 40 22 HOH HOH A . 
H 4 HOH 12 41 23 HOH HOH A . 
H 4 HOH 13 42 27 HOH HOH A . 
H 4 HOH 14 43 28 HOH HOH A . 
H 4 HOH 15 44 34 HOH HOH A . 
H 4 HOH 16 45 35 HOH HOH A . 
H 4 HOH 17 46 39 HOH HOH A . 
H 4 HOH 18 47 44 HOH HOH A . 
H 4 HOH 19 48 46 HOH HOH A . 
H 4 HOH 20 49 48 HOH HOH A . 
H 4 HOH 21 50 49 HOH HOH A . 
H 4 HOH 22 51 50 HOH HOH A . 
H 4 HOH 23 52 51 HOH HOH A . 
H 4 HOH 24 53 54 HOH HOH A . 
H 4 HOH 25 54 55 HOH HOH A . 
H 4 HOH 26 55 56 HOH HOH A . 
H 4 HOH 27 56 57 HOH HOH A . 
H 4 HOH 28 57 4  HOH HOH A . 
H 4 HOH 29 58 20 HOH HOH A . 
H 4 HOH 30 59 31 HOH HOH A . 
I 4 HOH 1  26 2  HOH HOH B . 
I 4 HOH 2  28 7  HOH HOH B . 
I 4 HOH 3  29 11 HOH HOH B . 
I 4 HOH 4  30 12 HOH HOH B . 
I 4 HOH 5  31 15 HOH HOH B . 
I 4 HOH 6  32 17 HOH HOH B . 
I 4 HOH 7  33 18 HOH HOH B . 
I 4 HOH 8  34 19 HOH HOH B . 
I 4 HOH 9  36 21 HOH HOH B . 
I 4 HOH 10 37 24 HOH HOH B . 
I 4 HOH 11 38 25 HOH HOH B . 
I 4 HOH 12 39 26 HOH HOH B . 
I 4 HOH 13 40 29 HOH HOH B . 
I 4 HOH 14 42 36 HOH HOH B . 
I 4 HOH 15 43 38 HOH HOH B . 
I 4 HOH 16 44 40 HOH HOH B . 
I 4 HOH 17 45 43 HOH HOH B . 
I 4 HOH 18 46 45 HOH HOH B . 
I 4 HOH 19 47 52 HOH HOH B . 
I 4 HOH 20 49 47 HOH HOH B . 
I 4 HOH 21 54 53 HOH HOH B . 
# 
_pdbx_struct_assembly.id                   1 
_pdbx_struct_assembly.details              author_and_software_defined_assembly 
_pdbx_struct_assembly.method_details       PISA 
_pdbx_struct_assembly.oligomeric_details   dimeric 
_pdbx_struct_assembly.oligomeric_count     2 
# 
_pdbx_struct_assembly_gen.assembly_id       1 
_pdbx_struct_assembly_gen.oper_expression   1 
_pdbx_struct_assembly_gen.asym_id_list      A,B,C,D,E,F,G,H,I 
# 
loop_
_pdbx_struct_assembly_prop.biol_id 
_pdbx_struct_assembly_prop.type 
_pdbx_struct_assembly_prop.value 
_pdbx_struct_assembly_prop.details 
1 'ABSA (A^2)' 3220  ? 
1 MORE         -10.5 ? 
1 'SSA (A^2)'  3530  ? 
# 
_pdbx_struct_oper_list.id                   1 
_pdbx_struct_oper_list.type                 'identity operation' 
_pdbx_struct_oper_list.name                 1_555 
_pdbx_struct_oper_list.symmetry_operation   x,y,z 
_pdbx_struct_oper_list.matrix[1][1]         1.0000000000 
_pdbx_struct_oper_list.matrix[1][2]         0.0000000000 
_pdbx_struct_oper_list.matrix[1][3]         0.0000000000 
_pdbx_struct_oper_list.vector[1]            0.0000000000 
_pdbx_struct_oper_list.matrix[2][1]         0.0000000000 
_pdbx_struct_oper_list.matrix[2][2]         1.0000000000 
_pdbx_struct_oper_list.matrix[2][3]         0.0000000000 
_pdbx_struct_oper_list.vector[2]            0.0000000000 
_pdbx_struct_oper_list.matrix[3][1]         0.0000000000 
_pdbx_struct_oper_list.matrix[3][2]         0.0000000000 
_pdbx_struct_oper_list.matrix[3][3]         1.0000000000 
_pdbx_struct_oper_list.vector[3]            0.0000000000 
# 
loop_
_pdbx_struct_conn_angle.id 
_pdbx_struct_conn_angle.ptnr1_label_atom_id 
_pdbx_struct_conn_angle.ptnr1_label_alt_id 
_pdbx_struct_conn_angle.ptnr1_label_asym_id 
_pdbx_struct_conn_angle.ptnr1_label_comp_id 
_pdbx_struct_conn_angle.ptnr1_label_seq_id 
_pdbx_struct_conn_angle.ptnr1_auth_atom_id 
_pdbx_struct_conn_angle.ptnr1_auth_asym_id 
_pdbx_struct_conn_angle.ptnr1_auth_comp_id 
_pdbx_struct_conn_angle.ptnr1_auth_seq_id 
_pdbx_struct_conn_angle.ptnr1_PDB_ins_code 
_pdbx_struct_conn_angle.ptnr1_symmetry 
_pdbx_struct_conn_angle.ptnr2_label_atom_id 
_pdbx_struct_conn_angle.ptnr2_label_alt_id 
_pdbx_struct_conn_angle.ptnr2_label_asym_id 
_pdbx_struct_conn_angle.ptnr2_label_comp_id 
_pdbx_struct_conn_angle.ptnr2_label_seq_id 
_pdbx_struct_conn_angle.ptnr2_auth_atom_id 
_pdbx_struct_conn_angle.ptnr2_auth_asym_id 
_pdbx_struct_conn_angle.ptnr2_auth_comp_id 
_pdbx_struct_conn_angle.ptnr2_auth_seq_id 
_pdbx_struct_conn_angle.ptnr2_PDB_ins_code 
_pdbx_struct_conn_angle.ptnr2_symmetry 
_pdbx_struct_conn_angle.ptnr3_label_atom_id 
_pdbx_struct_conn_angle.ptnr3_label_alt_id 
_pdbx_struct_conn_angle.ptnr3_label_asym_id 
_pdbx_struct_conn_angle.ptnr3_label_comp_id 
_pdbx_struct_conn_angle.ptnr3_label_seq_id 
_pdbx_struct_conn_angle.ptnr3_auth_atom_id 
_pdbx_struct_conn_angle.ptnr3_auth_asym_id 
_pdbx_struct_conn_angle.ptnr3_auth_comp_id 
_pdbx_struct_conn_angle.ptnr3_auth_seq_id 
_pdbx_struct_conn_angle.ptnr3_PDB_ins_code 
_pdbx_struct_conn_angle.ptnr3_symmetry 
_pdbx_struct_conn_angle.value 
_pdbx_struct_conn_angle.value_esd 
1  O6 ? A DG 1  ? A DG 1  ? 1_555 K ? C K . ? A K 26 ? 1_555 O6 ? A DG  2  ? A DG  2  ? 1_555 68.3  ? 
2  O6 ? A DG 1  ? A DG 1  ? 1_555 K ? C K . ? A K 26 ? 1_555 O6 ? A DG  11 ? A DG  11 ? 1_555 170.4 ? 
3  O6 ? A DG 2  ? A DG 2  ? 1_555 K ? C K . ? A K 26 ? 1_555 O6 ? A DG  11 ? A DG  11 ? 1_555 103.5 ? 
4  O6 ? A DG 1  ? A DG 1  ? 1_555 K ? C K . ? A K 26 ? 1_555 O6 ? A DG  12 ? A DG  12 ? 1_555 108.6 ? 
5  O6 ? A DG 2  ? A DG 2  ? 1_555 K ? C K . ? A K 26 ? 1_555 O6 ? A DG  12 ? A DG  12 ? 1_555 177.0 ? 
6  O6 ? A DG 11 ? A DG 11 ? 1_555 K ? C K . ? A K 26 ? 1_555 O6 ? A DG  12 ? A DG  12 ? 1_555 79.6  ? 
7  O6 ? A DG 1  ? A DG 1  ? 1_555 K ? C K . ? A K 26 ? 1_555 O6 ? B DG  3  ? B DG  15 ? 1_555 101.0 ? 
8  O6 ? A DG 2  ? A DG 2  ? 1_555 K ? C K . ? A K 26 ? 1_555 O6 ? B DG  3  ? B DG  15 ? 1_555 66.2  ? 
9  O6 ? A DG 11 ? A DG 11 ? 1_555 K ? C K . ? A K 26 ? 1_555 O6 ? B DG  3  ? B DG  15 ? 1_555 70.4  ? 
10 O6 ? A DG 12 ? A DG 12 ? 1_555 K ? C K . ? A K 26 ? 1_555 O6 ? B DG  3  ? B DG  15 ? 1_555 115.1 ? 
11 O6 ? A DG 1  ? A DG 1  ? 1_555 K ? C K . ? A K 26 ? 1_555 O6 ? B DG  4  ? B DG  16 ? 1_555 71.8  ? 
12 O6 ? A DG 2  ? A DG 2  ? 1_555 K ? C K . ? A K 26 ? 1_555 O6 ? B DG  4  ? B DG  16 ? 1_555 111.7 ? 
13 O6 ? A DG 11 ? A DG 11 ? 1_555 K ? C K . ? A K 26 ? 1_555 O6 ? B DG  4  ? B DG  16 ? 1_555 108.1 ? 
14 O6 ? A DG 12 ? A DG 12 ? 1_555 K ? C K . ? A K 26 ? 1_555 O6 ? B DG  4  ? B DG  16 ? 1_555 66.9  ? 
15 O6 ? B DG 3  ? B DG 15 ? 1_555 K ? C K . ? A K 26 ? 1_555 O6 ? B DG  4  ? B DG  16 ? 1_555 70.2  ? 
16 O6 ? A DG 1  ? A DG 1  ? 1_555 K ? C K . ? A K 26 ? 1_555 O6 ? B DG  9  ? B DG  21 ? 1_555 69.3  ? 
17 O6 ? A DG 2  ? A DG 2  ? 1_555 K ? C K . ? A K 26 ? 1_555 O6 ? B DG  9  ? B DG  21 ? 1_555 105.5 ? 
18 O6 ? A DG 11 ? A DG 11 ? 1_555 K ? C K . ? A K 26 ? 1_555 O6 ? B DG  9  ? B DG  21 ? 1_555 118.9 ? 
19 O6 ? A DG 12 ? A DG 12 ? 1_555 K ? C K . ? A K 26 ? 1_555 O6 ? B DG  9  ? B DG  21 ? 1_555 72.9  ? 
20 O6 ? B DG 3  ? B DG 15 ? 1_555 K ? C K . ? A K 26 ? 1_555 O6 ? B DG  9  ? B DG  21 ? 1_555 169.6 ? 
21 O6 ? B DG 4  ? B DG 16 ? 1_555 K ? C K . ? A K 26 ? 1_555 O6 ? B DG  9  ? B DG  21 ? 1_555 109.0 ? 
22 O6 ? A DG 1  ? A DG 1  ? 1_555 K ? C K . ? A K 26 ? 1_555 O6 ? B DG  10 ? B DG  22 ? 1_555 114.1 ? 
23 O6 ? A DG 2  ? A DG 2  ? 1_555 K ? C K . ? A K 26 ? 1_555 O6 ? B DG  10 ? B DG  22 ? 1_555 72.4  ? 
24 O6 ? A DG 11 ? A DG 11 ? 1_555 K ? C K . ? A K 26 ? 1_555 O6 ? B DG  10 ? B DG  22 ? 1_555 66.3  ? 
25 O6 ? A DG 12 ? A DG 12 ? 1_555 K ? C K . ? A K 26 ? 1_555 O6 ? B DG  10 ? B DG  22 ? 1_555 109.2 ? 
26 O6 ? B DG 3  ? B DG 15 ? 1_555 K ? C K . ? A K 26 ? 1_555 O6 ? B DG  10 ? B DG  22 ? 1_555 108.7 ? 
27 O6 ? B DG 4  ? B DG 16 ? 1_555 K ? C K . ? A K 26 ? 1_555 O6 ? B DG  10 ? B DG  22 ? 1_555 174.0 ? 
28 O6 ? B DG 9  ? B DG 21 ? 1_555 K ? C K . ? A K 26 ? 1_555 O6 ? B DG  10 ? B DG  22 ? 1_555 73.2  ? 
29 O6 ? A DG 2  ? A DG 2  ? 1_555 K ? D K . ? A K 27 ? 1_555 O6 ? A DG  3  ? A DG  3  ? 1_555 91.0  ? 
30 O6 ? A DG 2  ? A DG 2  ? 1_555 K ? D K . ? A K 27 ? 1_555 O6 ? A DG  10 ? A DG  10 ? 1_555 135.5 ? 
31 O6 ? A DG 3  ? A DG 3  ? 1_555 K ? D K . ? A K 27 ? 1_555 O6 ? A DG  10 ? A DG  10 ? 1_555 104.9 ? 
32 O6 ? A DG 2  ? A DG 2  ? 1_555 K ? D K . ? A K 27 ? 1_555 O6 ? A DG  11 ? A DG  11 ? 1_555 106.7 ? 
33 O6 ? A DG 3  ? A DG 3  ? 1_555 K ? D K . ? A K 27 ? 1_555 O6 ? A DG  11 ? A DG  11 ? 1_555 141.2 ? 
34 O6 ? A DG 10 ? A DG 10 ? 1_555 K ? D K . ? A K 27 ? 1_555 O6 ? A DG  11 ? A DG  11 ? 1_555 86.5  ? 
35 O6 ? A DG 2  ? A DG 2  ? 1_555 K ? D K . ? A K 27 ? 1_555 O6 ? B DG  2  ? B DG  14 ? 1_555 158.0 ? 
36 O6 ? A DG 3  ? A DG 3  ? 1_555 K ? D K . ? A K 27 ? 1_555 O6 ? B DG  2  ? B DG  14 ? 1_555 73.5  ? 
37 O6 ? A DG 10 ? A DG 10 ? 1_555 K ? D K . ? A K 27 ? 1_555 O6 ? B DG  2  ? B DG  14 ? 1_555 65.2  ? 
38 O6 ? A DG 11 ? A DG 11 ? 1_555 K ? D K . ? A K 27 ? 1_555 O6 ? B DG  2  ? B DG  14 ? 1_555 78.4  ? 
39 O6 ? A DG 2  ? A DG 2  ? 1_555 K ? D K . ? A K 27 ? 1_555 O6 ? B DG  3  ? B DG  15 ? 1_555 70.9  ? 
40 O6 ? A DG 3  ? A DG 3  ? 1_555 K ? D K . ? A K 27 ? 1_555 O6 ? B DG  3  ? B DG  15 ? 1_555 83.8  ? 
41 O6 ? A DG 10 ? A DG 10 ? 1_555 K ? D K . ? A K 27 ? 1_555 O6 ? B DG  3  ? B DG  15 ? 1_555 150.6 ? 
42 O6 ? A DG 11 ? A DG 11 ? 1_555 K ? D K . ? A K 27 ? 1_555 O6 ? B DG  3  ? B DG  15 ? 1_555 70.6  ? 
43 O6 ? B DG 2  ? B DG 14 ? 1_555 K ? D K . ? A K 27 ? 1_555 O6 ? B DG  3  ? B DG  15 ? 1_555 91.5  ? 
44 O6 ? A DG 2  ? A DG 2  ? 1_555 K ? D K . ? A K 27 ? 1_555 O6 ? B DG  11 ? B DG  23 ? 1_555 75.0  ? 
45 O6 ? A DG 3  ? A DG 3  ? 1_555 K ? D K . ? A K 27 ? 1_555 O6 ? B DG  11 ? B DG  23 ? 1_555 62.1  ? 
46 O6 ? A DG 10 ? A DG 10 ? 1_555 K ? D K . ? A K 27 ? 1_555 O6 ? B DG  11 ? B DG  23 ? 1_555 76.6  ? 
47 O6 ? A DG 11 ? A DG 11 ? 1_555 K ? D K . ? A K 27 ? 1_555 O6 ? B DG  11 ? B DG  23 ? 1_555 155.3 ? 
48 O6 ? B DG 2  ? B DG 14 ? 1_555 K ? D K . ? A K 27 ? 1_555 O6 ? B DG  11 ? B DG  23 ? 1_555 109.6 ? 
49 O6 ? B DG 3  ? B DG 15 ? 1_555 K ? D K . ? A K 27 ? 1_555 O6 ? B DG  11 ? B DG  23 ? 1_555 130.6 ? 
50 O6 ? A DG 3  ? A DG 3  ? 1_555 K ? E K . ? A K 28 ? 1_555 O6 ? A DG  4  ? A DG  4  ? 1_555 71.9  ? 
51 O6 ? A DG 3  ? A DG 3  ? 1_555 K ? E K . ? A K 28 ? 1_555 O6 ? A DG  9  ? A DG  9  ? 1_555 166.6 ? 
52 O6 ? A DG 4  ? A DG 4  ? 1_555 K ? E K . ? A K 28 ? 1_555 O6 ? A DG  9  ? A DG  9  ? 1_555 120.8 ? 
53 O6 ? A DG 3  ? A DG 3  ? 1_555 K ? E K . ? A K 28 ? 1_555 O6 ? A DG  10 ? A DG  10 ? 1_555 96.8  ? 
54 O6 ? A DG 4  ? A DG 4  ? 1_555 K ? E K . ? A K 28 ? 1_555 O6 ? A DG  10 ? A DG  10 ? 1_555 168.5 ? 
55 O6 ? A DG 9  ? A DG 9  ? 1_555 K ? E K . ? A K 28 ? 1_555 O6 ? A DG  10 ? A DG  10 ? 1_555 70.2  ? 
56 O6 ? A DG 3  ? A DG 3  ? 1_555 K ? E K . ? A K 28 ? 1_555 O6 ? B DG  1  ? B DG  13 ? 1_555 104.5 ? 
57 O6 ? A DG 4  ? A DG 4  ? 1_555 K ? E K . ? A K 28 ? 1_555 O6 ? B DG  1  ? B DG  13 ? 1_555 68.6  ? 
58 O6 ? A DG 9  ? A DG 9  ? 1_555 K ? E K . ? A K 28 ? 1_555 O6 ? B DG  1  ? B DG  13 ? 1_555 78.3  ? 
59 O6 ? A DG 10 ? A DG 10 ? 1_555 K ? E K . ? A K 28 ? 1_555 O6 ? B DG  1  ? B DG  13 ? 1_555 113.4 ? 
60 O6 ? A DG 3  ? A DG 3  ? 1_555 K ? E K . ? A K 28 ? 1_555 O6 ? B DG  12 ? B DG  24 ? 1_555 113.7 ? 
61 O6 ? A DG 4  ? A DG 4  ? 1_555 K ? E K . ? A K 28 ? 1_555 O6 ? B DG  12 ? B DG  24 ? 1_555 77.3  ? 
62 O6 ? A DG 9  ? A DG 9  ? 1_555 K ? E K . ? A K 28 ? 1_555 O6 ? B DG  12 ? B DG  24 ? 1_555 75.5  ? 
63 O6 ? A DG 10 ? A DG 10 ? 1_555 K ? E K . ? A K 28 ? 1_555 O6 ? B DG  12 ? B DG  24 ? 1_555 110.3 ? 
64 O6 ? B DG 1  ? B DG 13 ? 1_555 K ? E K . ? A K 28 ? 1_555 O6 ? B DG  12 ? B DG  24 ? 1_555 116.3 ? 
65 O6 ? A DG 12 ? A DG 12 ? 1_555 K ? G K . ? B K 25 ? 1_555 O2 ? B DT  5  ? B DT  17 ? 1_555 119.9 ? 
66 O6 ? A DG 12 ? A DG 12 ? 1_555 K ? G K . ? B K 25 ? 1_555 O2 ? B DT  7  ? B DT  19 ? 1_555 161.6 ? 
67 O2 ? B DT 5  ? B DT 17 ? 1_555 K ? G K . ? B K 25 ? 1_555 O2 ? B DT  7  ? B DT  19 ? 1_555 74.7  ? 
68 O6 ? A DG 12 ? A DG 12 ? 1_555 K ? G K . ? B K 25 ? 1_555 O6 ? B DG  9  ? B DG  21 ? 1_555 70.2  ? 
69 O2 ? B DT 5  ? B DT 17 ? 1_555 K ? G K . ? B K 25 ? 1_555 O6 ? B DG  9  ? B DG  21 ? 1_555 147.7 ? 
70 O2 ? B DT 7  ? B DT 19 ? 1_555 K ? G K . ? B K 25 ? 1_555 O6 ? B DG  9  ? B DG  21 ? 1_555 91.5  ? 
71 O6 ? A DG 12 ? A DG 12 ? 1_555 K ? G K . ? B K 25 ? 1_555 O  ? I HOH .  ? B HOH 42 ? 1_555 92.4  ? 
72 O2 ? B DT 5  ? B DT 17 ? 1_555 K ? G K . ? B K 25 ? 1_555 O  ? I HOH .  ? B HOH 42 ? 1_555 112.2 ? 
73 O2 ? B DT 7  ? B DT 19 ? 1_555 K ? G K . ? B K 25 ? 1_555 O  ? I HOH .  ? B HOH 42 ? 1_555 91.6  ? 
74 O6 ? B DG 9  ? B DG 21 ? 1_555 K ? G K . ? B K 25 ? 1_555 O  ? I HOH .  ? B HOH 42 ? 1_555 96.9  ? 
# 
loop_
_pdbx_audit_revision_history.ordinal 
_pdbx_audit_revision_history.data_content_type 
_pdbx_audit_revision_history.major_revision 
_pdbx_audit_revision_history.minor_revision 
_pdbx_audit_revision_history.revision_date 
1 'Structure model' 1 0 2008-10-14 
2 'Structure model' 1 1 2011-07-13 
3 'Structure model' 1 2 2023-09-06 
# 
_pdbx_audit_revision_details.ordinal             1 
_pdbx_audit_revision_details.revision_ordinal    1 
_pdbx_audit_revision_details.data_content_type   'Structure model' 
_pdbx_audit_revision_details.provider            repository 
_pdbx_audit_revision_details.type                'Initial release' 
_pdbx_audit_revision_details.description         ? 
_pdbx_audit_revision_details.details             ? 
# 
loop_
_pdbx_audit_revision_group.ordinal 
_pdbx_audit_revision_group.revision_ordinal 
_pdbx_audit_revision_group.data_content_type 
_pdbx_audit_revision_group.group 
1 2 'Structure model' 'Version format compliance' 
2 3 'Structure model' 'Data collection'           
3 3 'Structure model' 'Database references'       
4 3 'Structure model' 'Derived calculations'      
5 3 'Structure model' 'Refinement description'    
# 
loop_
_pdbx_audit_revision_category.ordinal 
_pdbx_audit_revision_category.revision_ordinal 
_pdbx_audit_revision_category.data_content_type 
_pdbx_audit_revision_category.category 
1 3 'Structure model' chem_comp_atom                
2 3 'Structure model' chem_comp_bond                
3 3 'Structure model' database_2                    
4 3 'Structure model' pdbx_initial_refinement_model 
5 3 'Structure model' struct_conn                   
6 3 'Structure model' struct_site                   
# 
loop_
_pdbx_audit_revision_item.ordinal 
_pdbx_audit_revision_item.revision_ordinal 
_pdbx_audit_revision_item.data_content_type 
_pdbx_audit_revision_item.item 
1  3 'Structure model' '_database_2.pdbx_DOI'                
2  3 'Structure model' '_database_2.pdbx_database_accession' 
3  3 'Structure model' '_struct_conn.pdbx_dist_value'        
4  3 'Structure model' '_struct_conn.ptnr1_auth_asym_id'     
5  3 'Structure model' '_struct_conn.ptnr1_auth_comp_id'     
6  3 'Structure model' '_struct_conn.ptnr1_auth_seq_id'      
7  3 'Structure model' '_struct_conn.ptnr1_label_asym_id'    
8  3 'Structure model' '_struct_conn.ptnr1_label_atom_id'    
9  3 'Structure model' '_struct_conn.ptnr1_label_comp_id'    
10 3 'Structure model' '_struct_conn.ptnr1_label_seq_id'     
11 3 'Structure model' '_struct_conn.ptnr2_auth_asym_id'     
12 3 'Structure model' '_struct_conn.ptnr2_auth_comp_id'     
13 3 'Structure model' '_struct_conn.ptnr2_auth_seq_id'      
14 3 'Structure model' '_struct_conn.ptnr2_label_asym_id'    
15 3 'Structure model' '_struct_conn.ptnr2_label_atom_id'    
16 3 'Structure model' '_struct_conn.ptnr2_label_comp_id'    
17 3 'Structure model' '_struct_conn.ptnr2_label_seq_id'     
18 3 'Structure model' '_struct_site.pdbx_auth_asym_id'      
19 3 'Structure model' '_struct_site.pdbx_auth_comp_id'      
20 3 'Structure model' '_struct_site.pdbx_auth_seq_id'       
# 
loop_
_software.name 
_software.classification 
_software.version 
_software.citation_id 
_software.pdbx_ordinal 
CrystalClear 'data collection' .        ? 1 
PHASER       phasing           .        ? 2 
REFMAC       refinement        5.2.0019 ? 3 
d*TREK       'data reduction'  .        ? 4 
d*TREK       'data scaling'    .        ? 5 
# 
_pdbx_validate_rmsd_bond.id                        1 
_pdbx_validate_rmsd_bond.PDB_model_num             1 
_pdbx_validate_rmsd_bond.auth_atom_id_1            "O3'" 
_pdbx_validate_rmsd_bond.auth_asym_id_1            A 
_pdbx_validate_rmsd_bond.auth_comp_id_1            DG 
_pdbx_validate_rmsd_bond.auth_seq_id_1             12 
_pdbx_validate_rmsd_bond.PDB_ins_code_1            ? 
_pdbx_validate_rmsd_bond.label_alt_id_1            ? 
_pdbx_validate_rmsd_bond.auth_atom_id_2            "C3'" 
_pdbx_validate_rmsd_bond.auth_asym_id_2            A 
_pdbx_validate_rmsd_bond.auth_comp_id_2            DG 
_pdbx_validate_rmsd_bond.auth_seq_id_2             12 
_pdbx_validate_rmsd_bond.PDB_ins_code_2            ? 
_pdbx_validate_rmsd_bond.label_alt_id_2            ? 
_pdbx_validate_rmsd_bond.bond_value                1.379 
_pdbx_validate_rmsd_bond.bond_target_value         1.419 
_pdbx_validate_rmsd_bond.bond_deviation            -0.040 
_pdbx_validate_rmsd_bond.bond_standard_deviation   0.006 
_pdbx_validate_rmsd_bond.linker_flag               N 
# 
loop_
_pdbx_validate_rmsd_angle.id 
_pdbx_validate_rmsd_angle.PDB_model_num 
_pdbx_validate_rmsd_angle.auth_atom_id_1 
_pdbx_validate_rmsd_angle.auth_asym_id_1 
_pdbx_validate_rmsd_angle.auth_comp_id_1 
_pdbx_validate_rmsd_angle.auth_seq_id_1 
_pdbx_validate_rmsd_angle.PDB_ins_code_1 
_pdbx_validate_rmsd_angle.label_alt_id_1 
_pdbx_validate_rmsd_angle.auth_atom_id_2 
_pdbx_validate_rmsd_angle.auth_asym_id_2 
_pdbx_validate_rmsd_angle.auth_comp_id_2 
_pdbx_validate_rmsd_angle.auth_seq_id_2 
_pdbx_validate_rmsd_angle.PDB_ins_code_2 
_pdbx_validate_rmsd_angle.label_alt_id_2 
_pdbx_validate_rmsd_angle.auth_atom_id_3 
_pdbx_validate_rmsd_angle.auth_asym_id_3 
_pdbx_validate_rmsd_angle.auth_comp_id_3 
_pdbx_validate_rmsd_angle.auth_seq_id_3 
_pdbx_validate_rmsd_angle.PDB_ins_code_3 
_pdbx_validate_rmsd_angle.label_alt_id_3 
_pdbx_validate_rmsd_angle.angle_value 
_pdbx_validate_rmsd_angle.angle_target_value 
_pdbx_validate_rmsd_angle.angle_deviation 
_pdbx_validate_rmsd_angle.angle_standard_deviation 
_pdbx_validate_rmsd_angle.linker_flag 
1  1 N1    A DG 2  ? ? C6    A DG 2  ? ? O6    A DG 2  ? ? 114.99 119.90 -4.91 0.60 N 
2  1 "O4'" A DG 3  ? ? "C1'" A DG 3  ? ? N9    A DG 3  ? ? 110.40 108.30 2.10  0.30 N 
3  1 "C3'" A DG 4  ? ? "O3'" A DG 4  ? ? P     A DT 5  ? ? 128.07 119.70 8.37  1.20 Y 
4  1 "O4'" A DT 5  ? ? "C1'" A DT 5  ? ? N1    A DT 5  ? ? 110.42 108.30 2.12  0.30 N 
5  1 C4    A DT 6  ? ? C5    A DT 6  ? ? C7    A DT 6  ? ? 122.89 119.00 3.89  0.60 N 
6  1 "O4'" A DT 7  ? ? "C1'" A DT 7  ? ? N1    A DT 7  ? ? 112.79 108.30 4.49  0.30 N 
7  1 "C3'" A DG 10 ? ? "C2'" A DG 10 ? ? "C1'" A DG 10 ? ? 97.13  102.40 -5.27 0.80 N 
8  1 "O4'" A DG 10 ? ? "C1'" A DG 10 ? ? N9    A DG 10 ? ? 112.38 108.30 4.08  0.30 N 
9  1 "O4'" B DG 13 ? ? "C1'" B DG 13 ? ? N9    B DG 13 ? ? 112.27 108.30 3.97  0.30 N 
10 1 "O4'" B DG 14 ? ? "C1'" B DG 14 ? ? N9    B DG 14 ? ? 114.93 108.30 6.63  0.30 N 
11 1 "O4'" B DG 16 ? ? "C1'" B DG 16 ? ? N9    B DG 16 ? ? 112.12 108.30 3.82  0.30 N 
12 1 "O4'" B DT 17 ? ? "C4'" B DT 17 ? ? "C3'" B DT 17 ? ? 101.69 104.50 -2.81 0.40 N 
13 1 C4    B DT 17 ? ? C5    B DT 17 ? ? C7    B DT 17 ? ? 123.25 119.00 4.25  0.60 N 
14 1 "O4'" B DG 21 ? ? "C1'" B DG 21 ? ? N9    B DG 21 ? ? 112.47 108.30 4.17  0.30 N 
15 1 C2    B DG 23 ? ? N3    B DG 23 ? ? C4    B DG 23 ? ? 115.14 111.90 3.24  0.50 N 
16 1 C5    B DG 23 ? ? C6    B DG 23 ? ? N1    B DG 23 ? ? 116.25 111.50 4.75  0.50 N 
# 
loop_
_chem_comp_atom.comp_id 
_chem_comp_atom.atom_id 
_chem_comp_atom.type_symbol 
_chem_comp_atom.pdbx_aromatic_flag 
_chem_comp_atom.pdbx_stereo_config 
_chem_comp_atom.pdbx_ordinal 
DG  OP3    O N N 1   
DG  P      P N N 2   
DG  OP1    O N N 3   
DG  OP2    O N N 4   
DG  "O5'"  O N N 5   
DG  "C5'"  C N N 6   
DG  "C4'"  C N R 7   
DG  "O4'"  O N N 8   
DG  "C3'"  C N S 9   
DG  "O3'"  O N N 10  
DG  "C2'"  C N N 11  
DG  "C1'"  C N R 12  
DG  N9     N Y N 13  
DG  C8     C Y N 14  
DG  N7     N Y N 15  
DG  C5     C Y N 16  
DG  C6     C N N 17  
DG  O6     O N N 18  
DG  N1     N N N 19  
DG  C2     C N N 20  
DG  N2     N N N 21  
DG  N3     N N N 22  
DG  C4     C Y N 23  
DG  HOP3   H N N 24  
DG  HOP2   H N N 25  
DG  "H5'"  H N N 26  
DG  "H5''" H N N 27  
DG  "H4'"  H N N 28  
DG  "H3'"  H N N 29  
DG  "HO3'" H N N 30  
DG  "H2'"  H N N 31  
DG  "H2''" H N N 32  
DG  "H1'"  H N N 33  
DG  H8     H N N 34  
DG  H1     H N N 35  
DG  H21    H N N 36  
DG  H22    H N N 37  
DT  OP3    O N N 38  
DT  P      P N N 39  
DT  OP1    O N N 40  
DT  OP2    O N N 41  
DT  "O5'"  O N N 42  
DT  "C5'"  C N N 43  
DT  "C4'"  C N R 44  
DT  "O4'"  O N N 45  
DT  "C3'"  C N S 46  
DT  "O3'"  O N N 47  
DT  "C2'"  C N N 48  
DT  "C1'"  C N R 49  
DT  N1     N N N 50  
DT  C2     C N N 51  
DT  O2     O N N 52  
DT  N3     N N N 53  
DT  C4     C N N 54  
DT  O4     O N N 55  
DT  C5     C N N 56  
DT  C7     C N N 57  
DT  C6     C N N 58  
DT  HOP3   H N N 59  
DT  HOP2   H N N 60  
DT  "H5'"  H N N 61  
DT  "H5''" H N N 62  
DT  "H4'"  H N N 63  
DT  "H3'"  H N N 64  
DT  "HO3'" H N N 65  
DT  "H2'"  H N N 66  
DT  "H2''" H N N 67  
DT  "H1'"  H N N 68  
DT  H3     H N N 69  
DT  H71    H N N 70  
DT  H72    H N N 71  
DT  H73    H N N 72  
DT  H6     H N N 73  
HOH O      O N N 74  
HOH H1     H N N 75  
HOH H2     H N N 76  
K   K      K N N 77  
NCL O39    O N N 78  
NCL C9     C N N 79  
NCL C10    C N N 80  
NCL C13    C N N 81  
NCL N16    N N N 82  
NCL C18    C N N 83  
NCL C27    C N R 84  
NCL C20    C N N 85  
NCL C30    C N N 86  
NCL C33    C N N 87  
NCL C36    C N N 88  
NCL N7     N N N 89  
NCL C6     C Y N 90  
NCL C4     C Y N 91  
NCL C3     C Y N 92  
NCL N1     N Y N 93  
NCL C40    C Y N 94  
NCL C42    C Y N 95  
NCL C44    C Y N 96  
NCL C45    C Y N 97  
NCL C2     C Y N 98  
NCL C47    C Y N 99  
NCL C49    C Y N 100 
NCL C87    C Y N 101 
NCL C85    C Y N 102 
NCL C51    C Y N 103 
NCL N52    N N N 104 
NCL C54    C N N 105 
NCL O84    O N N 106 
NCL C55    C N N 107 
NCL C58    C N N 108 
NCL N61    N N N 109 
NCL C63    C N N 110 
NCL C66    C N R 111 
NCL C77    C N N 112 
NCL C69    C N N 113 
NCL C72    C N N 114 
NCL C75    C N N 115 
NCL H10    H N N 116 
NCL H10A   H N N 117 
NCL H13    H N N 118 
NCL H13A   H N N 119 
NCL H18    H N N 120 
NCL H18A   H N N 121 
NCL H27    H N N 122 
NCL H20    H N N 123 
NCL H20A   H N N 124 
NCL H20B   H N N 125 
NCL H30    H N N 126 
NCL H30A   H N N 127 
NCL H33    H N N 128 
NCL H33A   H N N 129 
NCL H36    H N N 130 
NCL H36A   H N N 131 
NCL HN7    H N N 132 
NCL H4     H N N 133 
NCL H40    H N N 134 
NCL H42    H N N 135 
NCL H45    H N N 136 
NCL H47    H N N 137 
NCL H49    H N N 138 
NCL H85    H N N 139 
NCL HN52   H N N 140 
NCL H55    H N N 141 
NCL H55A   H N N 142 
NCL H58    H N N 143 
NCL H58A   H N N 144 
NCL H63    H N N 145 
NCL H63A   H N N 146 
NCL H66    H N N 147 
NCL H77    H N N 148 
NCL H77A   H N N 149 
NCL H77B   H N N 150 
NCL H69    H N N 151 
NCL H69A   H N N 152 
NCL H72    H N N 153 
NCL H72A   H N N 154 
NCL H75    H N N 155 
NCL H75A   H N N 156 
# 
loop_
_chem_comp_bond.comp_id 
_chem_comp_bond.atom_id_1 
_chem_comp_bond.atom_id_2 
_chem_comp_bond.value_order 
_chem_comp_bond.pdbx_aromatic_flag 
_chem_comp_bond.pdbx_stereo_config 
_chem_comp_bond.pdbx_ordinal 
DG  OP3   P      sing N N 1   
DG  OP3   HOP3   sing N N 2   
DG  P     OP1    doub N N 3   
DG  P     OP2    sing N N 4   
DG  P     "O5'"  sing N N 5   
DG  OP2   HOP2   sing N N 6   
DG  "O5'" "C5'"  sing N N 7   
DG  "C5'" "C4'"  sing N N 8   
DG  "C5'" "H5'"  sing N N 9   
DG  "C5'" "H5''" sing N N 10  
DG  "C4'" "O4'"  sing N N 11  
DG  "C4'" "C3'"  sing N N 12  
DG  "C4'" "H4'"  sing N N 13  
DG  "O4'" "C1'"  sing N N 14  
DG  "C3'" "O3'"  sing N N 15  
DG  "C3'" "C2'"  sing N N 16  
DG  "C3'" "H3'"  sing N N 17  
DG  "O3'" "HO3'" sing N N 18  
DG  "C2'" "C1'"  sing N N 19  
DG  "C2'" "H2'"  sing N N 20  
DG  "C2'" "H2''" sing N N 21  
DG  "C1'" N9     sing N N 22  
DG  "C1'" "H1'"  sing N N 23  
DG  N9    C8     sing Y N 24  
DG  N9    C4     sing Y N 25  
DG  C8    N7     doub Y N 26  
DG  C8    H8     sing N N 27  
DG  N7    C5     sing Y N 28  
DG  C5    C6     sing N N 29  
DG  C5    C4     doub Y N 30  
DG  C6    O6     doub N N 31  
DG  C6    N1     sing N N 32  
DG  N1    C2     sing N N 33  
DG  N1    H1     sing N N 34  
DG  C2    N2     sing N N 35  
DG  C2    N3     doub N N 36  
DG  N2    H21    sing N N 37  
DG  N2    H22    sing N N 38  
DG  N3    C4     sing N N 39  
DT  OP3   P      sing N N 40  
DT  OP3   HOP3   sing N N 41  
DT  P     OP1    doub N N 42  
DT  P     OP2    sing N N 43  
DT  P     "O5'"  sing N N 44  
DT  OP2   HOP2   sing N N 45  
DT  "O5'" "C5'"  sing N N 46  
DT  "C5'" "C4'"  sing N N 47  
DT  "C5'" "H5'"  sing N N 48  
DT  "C5'" "H5''" sing N N 49  
DT  "C4'" "O4'"  sing N N 50  
DT  "C4'" "C3'"  sing N N 51  
DT  "C4'" "H4'"  sing N N 52  
DT  "O4'" "C1'"  sing N N 53  
DT  "C3'" "O3'"  sing N N 54  
DT  "C3'" "C2'"  sing N N 55  
DT  "C3'" "H3'"  sing N N 56  
DT  "O3'" "HO3'" sing N N 57  
DT  "C2'" "C1'"  sing N N 58  
DT  "C2'" "H2'"  sing N N 59  
DT  "C2'" "H2''" sing N N 60  
DT  "C1'" N1     sing N N 61  
DT  "C1'" "H1'"  sing N N 62  
DT  N1    C2     sing N N 63  
DT  N1    C6     sing N N 64  
DT  C2    O2     doub N N 65  
DT  C2    N3     sing N N 66  
DT  N3    C4     sing N N 67  
DT  N3    H3     sing N N 68  
DT  C4    O4     doub N N 69  
DT  C4    C5     sing N N 70  
DT  C5    C7     sing N N 71  
DT  C5    C6     doub N N 72  
DT  C7    H71    sing N N 73  
DT  C7    H72    sing N N 74  
DT  C7    H73    sing N N 75  
DT  C6    H6     sing N N 76  
HOH O     H1     sing N N 77  
HOH O     H2     sing N N 78  
NCL O39   C9     doub N N 79  
NCL N7    C9     sing N N 80  
NCL C9    C10    sing N N 81  
NCL C10   C13    sing N N 82  
NCL C10   H10    sing N N 83  
NCL C10   H10A   sing N N 84  
NCL C13   N16    sing N N 85  
NCL C13   H13    sing N N 86  
NCL C13   H13A   sing N N 87  
NCL N16   C18    sing N N 88  
NCL N16   C36    sing N N 89  
NCL C18   C27    sing N N 90  
NCL C18   H18    sing N N 91  
NCL C18   H18A   sing N N 92  
NCL C20   C27    sing N N 93  
NCL C27   C30    sing N N 94  
NCL C27   H27    sing N N 95  
NCL C20   H20    sing N N 96  
NCL C20   H20A   sing N N 97  
NCL C20   H20B   sing N N 98  
NCL C33   C30    sing N N 99  
NCL C30   H30    sing N N 100 
NCL C30   H30A   sing N N 101 
NCL C36   C33    sing N N 102 
NCL C33   H33    sing N N 103 
NCL C33   H33A   sing N N 104 
NCL C36   H36    sing N N 105 
NCL C36   H36A   sing N N 106 
NCL C6    N7     sing N N 107 
NCL N7    HN7    sing N N 108 
NCL C40   C6     doub Y N 109 
NCL C4    C6     sing Y N 110 
NCL C3    C4     doub Y N 111 
NCL C4    H4     sing N N 112 
NCL C44   C3     sing Y N 113 
NCL N1    C3     sing Y N 114 
NCL C87   N1     doub Y N 115 
NCL C42   C40    sing Y N 116 
NCL C40   H40    sing N N 117 
NCL C44   C42    doub Y N 118 
NCL C42   H42    sing N N 119 
NCL C45   C44    sing Y N 120 
NCL C2    C45    doub Y N 121 
NCL C45   H45    sing N N 122 
NCL C47   C2     sing Y N 123 
NCL C2    C87    sing Y N 124 
NCL C49   C47    doub Y N 125 
NCL C47   H47    sing N N 126 
NCL C49   C51    sing Y N 127 
NCL C49   H49    sing N N 128 
NCL C85   C87    sing Y N 129 
NCL C51   C85    doub Y N 130 
NCL C85   H85    sing N N 131 
NCL N52   C51    sing N N 132 
NCL N52   C54    sing N N 133 
NCL N52   HN52   sing N N 134 
NCL C55   C54    sing N N 135 
NCL C54   O84    doub N N 136 
NCL C55   C58    sing N N 137 
NCL C55   H55    sing N N 138 
NCL C55   H55A   sing N N 139 
NCL N61   C58    sing N N 140 
NCL C58   H58    sing N N 141 
NCL C58   H58A   sing N N 142 
NCL C63   N61    sing N N 143 
NCL N61   C75    sing N N 144 
NCL C66   C63    sing N N 145 
NCL C63   H63    sing N N 146 
NCL C63   H63A   sing N N 147 
NCL C77   C66    sing N N 148 
NCL C66   C69    sing N N 149 
NCL C66   H66    sing N N 150 
NCL C77   H77    sing N N 151 
NCL C77   H77A   sing N N 152 
NCL C77   H77B   sing N N 153 
NCL C69   C72    sing N N 154 
NCL C69   H69    sing N N 155 
NCL C69   H69A   sing N N 156 
NCL C72   C75    sing N N 157 
NCL C72   H72    sing N N 158 
NCL C72   H72A   sing N N 159 
NCL C75   H75    sing N N 160 
NCL C75   H75A   sing N N 161 
# 
_ndb_struct_conf_na.entry_id   3ET8 
_ndb_struct_conf_na.feature    'quadruple helix' 
# 
loop_
_pdbx_entity_nonpoly.entity_id 
_pdbx_entity_nonpoly.name 
_pdbx_entity_nonpoly.comp_id 
2 'POTASSIUM ION'                                              K   
3 '3,6-Bis{3-(3-[(3R)-methylpiperidino)]propionamido}acridine' NCL 
4 water                                                        HOH 
# 
_pdbx_initial_refinement_model.id               1 
_pdbx_initial_refinement_model.entity_id_list   ? 
_pdbx_initial_refinement_model.type             'experimental model' 
_pdbx_initial_refinement_model.source_name      PDB 
_pdbx_initial_refinement_model.accession_code   1L1H 
_pdbx_initial_refinement_model.details          'PDB entry 1L1H' 
# 
